data_2Y1D
#
_entry.id   2Y1D
#
_cell.length_a   69.622
_cell.length_b   67.318
_cell.length_c   84.301
_cell.angle_alpha   90.00
_cell.angle_beta   107.38
_cell.angle_gamma   90.00
#
_symmetry.space_group_name_H-M   'P 1 21 1'
#
loop_
_entity.id
_entity.type
_entity.pdbx_description
1 polymer '1-DEOXY-D-XYLULOSE 5-PHOSPHATE REDUCTOISOMERASE'
2 non-polymer '(1S)-1-(3,4-DICHLOROPHENYL)-3-[FORMYL(HYDROXY)AMINO]PROPYL}PHOSPHONIC ACID'
3 non-polymer 'MANGANESE (II) ION'
4 water water
#
_entity_poly.entity_id   1
_entity_poly.type   'polypeptide(L)'
_entity_poly.pdbx_seq_one_letter_code
;TMAHHHHHHVTNSTDGRADGRLRVVVLGSTGSIGTQALQVIADNPDRFEVVGLAAGGAHLDTLLRQRAQTGVTNIAVADE
HAAQRVGDIPYHGSDAATRLVEQTEADVVLNALVGALGLRPTLAALKTGARLALANKESLVAGGSLVLRAARPGQIVPVD
SEHSALAQCLRGGTPDEVAKLVLTASGGPFRGWSAADLEHVTPEQAGAHPTWSMGPMNTLNSASLVNKGLEVIETHLLFG
IPYDRIDVVVHPQSIIHSMVTFIDGSTIAQASPPDMKLPISLALGWPRRVSGAAAACDFHTASSWEFEPLDTDVFPAVEL
ARQAGVAGGCMTAVYNAANEEAAAAFLAGRIGFPAIVGIIADVLHAADQWAVEPATVDDVLDAQRWARERAQRAVSGM
;
_entity_poly.pdbx_strand_id   A,B
#
loop_
_chem_comp.id
_chem_comp.type
_chem_comp.name
_chem_comp.formula
34F non-polymer '(1S)-1-(3,4-DICHLOROPHENYL)-3-[FORMYL(HYDROXY)AMINO]PROPYL}PHOSPHONIC ACID' 'C10 H12 Cl2 N O5 P'
MN non-polymer 'MANGANESE (II) ION' 'Mn 2'
#
# COMPACT_ATOMS: atom_id res chain seq x y z
N GLY A 20 -22.60 1.26 16.32
CA GLY A 20 -23.25 0.20 17.13
C GLY A 20 -22.26 -0.69 17.87
N ARG A 21 -22.74 -1.31 18.95
CA ARG A 21 -21.94 -2.26 19.72
C ARG A 21 -22.19 -3.66 19.17
N LEU A 22 -21.11 -4.43 19.00
CA LEU A 22 -21.20 -5.77 18.43
C LEU A 22 -21.05 -6.84 19.51
N ARG A 23 -21.87 -7.88 19.43
CA ARG A 23 -21.83 -8.99 20.38
C ARG A 23 -20.99 -10.13 19.80
N VAL A 24 -19.90 -10.44 20.49
CA VAL A 24 -18.89 -11.37 19.98
C VAL A 24 -18.89 -12.68 20.76
N VAL A 25 -18.84 -13.78 20.03
CA VAL A 25 -18.60 -15.10 20.60
C VAL A 25 -17.18 -15.55 20.25
N VAL A 26 -16.40 -15.87 21.28
CA VAL A 26 -15.01 -16.27 21.10
C VAL A 26 -14.84 -17.78 21.28
N LEU A 27 -14.62 -18.47 20.16
CA LEU A 27 -14.35 -19.91 20.19
C LEU A 27 -12.84 -20.13 20.21
N GLY A 28 -12.36 -20.81 21.26
CA GLY A 28 -10.93 -20.99 21.48
C GLY A 28 -10.38 -19.79 22.23
N SER A 29 -11.03 -19.48 23.36
CA SER A 29 -10.74 -18.26 24.09
C SER A 29 -9.43 -18.29 24.87
N THR A 30 -8.94 -19.50 25.15
CA THR A 30 -7.78 -19.66 26.04
C THR A 30 -6.44 -19.66 25.31
N GLY A 31 -6.49 -19.72 23.98
CA GLY A 31 -5.28 -19.67 23.17
C GLY A 31 -4.79 -18.25 22.94
N SER A 32 -3.76 -18.12 22.11
CA SER A 32 -3.10 -16.85 21.83
C SER A 32 -4.04 -15.84 21.17
N ILE A 33 -4.78 -16.31 20.17
CA ILE A 33 -5.70 -15.46 19.41
C ILE A 33 -6.87 -15.04 20.30
N GLY A 34 -7.47 -16.01 20.97
CA GLY A 34 -8.61 -15.77 21.87
C GLY A 34 -8.35 -14.76 22.96
N THR A 35 -7.20 -14.88 23.65
CA THR A 35 -6.83 -13.96 24.72
C THR A 35 -6.54 -12.55 24.19
N GLN A 36 -5.87 -12.47 23.05
CA GLN A 36 -5.65 -11.18 22.37
C GLN A 36 -6.96 -10.53 21.95
N ALA A 37 -7.88 -11.34 21.41
CA ALA A 37 -9.24 -10.88 21.08
C ALA A 37 -9.97 -10.32 22.30
N LEU A 38 -9.95 -11.07 23.42
CA LEU A 38 -10.57 -10.58 24.67
C LEU A 38 -9.97 -9.26 25.14
N GLN A 39 -8.68 -9.07 24.88
CA GLN A 39 -8.00 -7.81 25.23
C GLN A 39 -8.44 -6.65 24.33
N VAL A 40 -8.62 -6.92 23.03
CA VAL A 40 -9.15 -5.93 22.10
C VAL A 40 -10.56 -5.52 22.52
N ILE A 41 -11.36 -6.50 22.93
CA ILE A 41 -12.75 -6.27 23.34
C ILE A 41 -12.82 -5.46 24.64
N ALA A 42 -11.98 -5.83 25.62
CA ALA A 42 -11.88 -5.11 26.89
C ALA A 42 -11.41 -3.66 26.72
N ASP A 43 -10.55 -3.43 25.72
CA ASP A 43 -10.04 -2.09 25.41
C ASP A 43 -11.04 -1.24 24.63
N ASN A 44 -12.06 -1.88 24.08
CA ASN A 44 -13.06 -1.20 23.26
C ASN A 44 -14.51 -1.56 23.63
N PRO A 45 -14.92 -1.26 24.88
CA PRO A 45 -16.25 -1.65 25.35
C PRO A 45 -17.38 -0.97 24.57
N ASP A 46 -17.07 0.16 23.93
CA ASP A 46 -18.06 0.87 23.10
C ASP A 46 -18.30 0.20 21.74
N ARG A 47 -17.34 -0.61 21.29
CA ARG A 47 -17.44 -1.28 19.99
C ARG A 47 -17.84 -2.76 20.15
N PHE A 48 -17.35 -3.40 21.20
CA PHE A 48 -17.50 -4.85 21.35
C PHE A 48 -17.98 -5.30 22.75
N GLU A 49 -18.66 -6.44 22.77
CA GLU A 49 -19.13 -7.08 24.00
C GLU A 49 -19.01 -8.59 23.85
N VAL A 50 -18.31 -9.23 24.79
CA VAL A 50 -18.21 -10.69 24.81
C VAL A 50 -19.54 -11.27 25.30
N VAL A 51 -20.06 -12.25 24.57
CA VAL A 51 -21.33 -12.89 24.95
C VAL A 51 -21.24 -14.43 25.00
N GLY A 52 -20.06 -14.97 24.70
CA GLY A 52 -19.83 -16.41 24.73
C GLY A 52 -18.36 -16.77 24.66
N LEU A 53 -17.97 -17.85 25.33
CA LEU A 53 -16.60 -18.34 25.34
C LEU A 53 -16.56 -19.86 25.19
N ALA A 54 -15.69 -20.36 24.32
CA ALA A 54 -15.50 -21.80 24.14
C ALA A 54 -14.03 -22.20 24.31
N ALA A 55 -13.81 -23.27 25.07
CA ALA A 55 -12.46 -23.79 25.31
C ALA A 55 -12.44 -25.32 25.23
N GLY A 56 -11.23 -25.88 25.18
CA GLY A 56 -11.04 -27.32 25.09
C GLY A 56 -11.11 -27.98 26.46
N GLY A 57 -10.10 -27.69 27.29
CA GLY A 57 -10.03 -28.25 28.64
C GLY A 57 -8.63 -28.20 29.23
N ALA A 58 -7.63 -28.02 28.37
CA ALA A 58 -6.23 -28.00 28.79
C ALA A 58 -5.88 -26.81 29.70
N HIS A 59 -6.32 -25.61 29.28
CA HIS A 59 -6.03 -24.39 30.02
C HIS A 59 -7.22 -23.93 30.86
N LEU A 60 -7.88 -24.89 31.49
CA LEU A 60 -9.03 -24.68 32.38
C LEU A 60 -8.88 -23.50 33.35
N ASP A 61 -7.66 -23.30 33.85
CA ASP A 61 -7.36 -22.18 34.74
C ASP A 61 -7.60 -20.82 34.09
N THR A 62 -7.29 -20.71 32.80
CA THR A 62 -7.47 -19.46 32.06
C THR A 62 -8.96 -19.19 31.82
N LEU A 63 -9.69 -20.22 31.37
CA LEU A 63 -11.13 -20.13 31.14
C LEU A 63 -11.88 -19.62 32.37
N LEU A 64 -11.54 -20.19 33.53
CA LEU A 64 -12.13 -19.78 34.81
C LEU A 64 -11.79 -18.33 35.14
N ARG A 65 -10.57 -17.92 34.81
CA ARG A 65 -10.12 -16.53 35.02
C ARG A 65 -10.84 -15.58 34.05
N GLN A 66 -11.07 -16.05 32.83
CA GLN A 66 -11.80 -15.29 31.82
C GLN A 66 -13.27 -15.09 32.21
N ARG A 67 -13.88 -16.12 32.79
CA ARG A 67 -15.25 -16.02 33.30
C ARG A 67 -15.35 -14.95 34.40
N ALA A 68 -14.37 -14.93 35.29
CA ALA A 68 -14.34 -13.98 36.41
C ALA A 68 -14.13 -12.53 35.96
N GLN A 69 -13.36 -12.34 34.88
CA GLN A 69 -13.06 -11.00 34.38
C GLN A 69 -14.12 -10.45 33.43
N THR A 70 -14.65 -11.30 32.56
CA THR A 70 -15.66 -10.88 31.60
C THR A 70 -17.07 -10.92 32.20
N GLY A 71 -17.30 -11.83 33.13
CA GLY A 71 -18.63 -12.07 33.70
C GLY A 71 -19.46 -13.01 32.85
N VAL A 72 -18.89 -13.49 31.74
CA VAL A 72 -19.57 -14.39 30.83
C VAL A 72 -19.66 -15.79 31.43
N THR A 73 -20.90 -16.24 31.62
CA THR A 73 -21.19 -17.58 32.15
C THR A 73 -21.54 -18.54 31.03
N ASN A 74 -22.01 -17.98 29.91
CA ASN A 74 -22.32 -18.74 28.69
C ASN A 74 -21.04 -19.33 28.11
N ILE A 75 -20.64 -20.48 28.65
CA ILE A 75 -19.34 -21.09 28.32
C ILE A 75 -19.50 -22.53 27.83
N ALA A 76 -18.75 -22.86 26.78
CA ALA A 76 -18.67 -24.22 26.25
C ALA A 76 -17.30 -24.81 26.52
N VAL A 77 -17.26 -26.08 26.95
CA VAL A 77 -15.99 -26.77 27.19
C VAL A 77 -15.97 -28.13 26.51
N ASP A 88 -21.23 -26.32 36.62
CA ASP A 88 -22.11 -25.22 36.25
C ASP A 88 -21.81 -24.65 34.86
N ILE A 89 -21.17 -25.48 34.03
CA ILE A 89 -20.90 -25.13 32.63
C ILE A 89 -22.09 -25.50 31.77
N PRO A 90 -22.74 -24.50 31.13
CA PRO A 90 -23.97 -24.70 30.36
C PRO A 90 -23.82 -25.60 29.12
N TYR A 91 -22.61 -25.68 28.58
CA TYR A 91 -22.36 -26.48 27.39
C TYR A 91 -21.13 -27.37 27.54
N HIS A 92 -21.35 -28.68 27.59
CA HIS A 92 -20.26 -29.66 27.70
C HIS A 92 -20.42 -30.81 26.70
N GLY A 93 -19.30 -31.42 26.31
CA GLY A 93 -19.30 -32.52 25.35
C GLY A 93 -18.37 -32.27 24.18
N SER A 94 -18.59 -33.00 23.08
CA SER A 94 -17.79 -32.84 21.87
C SER A 94 -18.45 -31.89 20.88
N ASP A 95 -19.76 -31.69 21.03
CA ASP A 95 -20.53 -30.78 20.17
C ASP A 95 -20.99 -29.54 20.96
N ALA A 96 -20.27 -29.24 22.04
CA ALA A 96 -20.61 -28.13 22.94
C ALA A 96 -20.42 -26.75 22.29
N ALA A 97 -19.25 -26.54 21.69
CA ALA A 97 -18.93 -25.28 21.00
C ALA A 97 -19.92 -25.00 19.88
N THR A 98 -20.27 -26.05 19.13
CA THR A 98 -21.26 -25.95 18.06
C THR A 98 -22.63 -25.51 18.59
N ARG A 99 -23.04 -26.10 19.72
CA ARG A 99 -24.34 -25.79 20.33
C ARG A 99 -24.37 -24.43 21.05
N LEU A 100 -23.19 -23.96 21.45
CA LEU A 100 -23.05 -22.61 22.00
C LEU A 100 -23.36 -21.56 20.93
N VAL A 101 -22.89 -21.82 19.71
CA VAL A 101 -23.10 -20.93 18.57
C VAL A 101 -24.58 -20.88 18.17
N GLU A 102 -25.23 -22.04 18.16
CA GLU A 102 -26.62 -22.20 17.73
C GLU A 102 -27.62 -21.34 18.52
N GLN A 103 -27.36 -21.17 19.81
CA GLN A 103 -28.37 -20.63 20.73
C GLN A 103 -28.03 -19.26 21.34
N THR A 104 -26.87 -18.70 20.98
CA THR A 104 -26.45 -17.40 21.49
C THR A 104 -26.68 -16.29 20.47
N GLU A 105 -27.26 -15.18 20.93
CA GLU A 105 -27.40 -13.98 20.10
C GLU A 105 -26.05 -13.29 19.92
N ALA A 106 -25.58 -13.27 18.67
CA ALA A 106 -24.25 -12.74 18.35
C ALA A 106 -24.25 -12.03 17.00
N ASP A 107 -23.36 -11.04 16.88
CA ASP A 107 -23.13 -10.35 15.62
C ASP A 107 -21.91 -10.93 14.93
N VAL A 108 -20.92 -11.31 15.73
CA VAL A 108 -19.65 -11.85 15.25
C VAL A 108 -19.29 -13.14 16.00
N VAL A 109 -18.87 -14.14 15.26
CA VAL A 109 -18.31 -15.36 15.84
C VAL A 109 -16.83 -15.47 15.45
N LEU A 110 -15.97 -15.41 16.46
CA LEU A 110 -14.54 -15.62 16.24
C LEU A 110 -14.17 -17.08 16.48
N ASN A 111 -13.87 -17.78 15.39
CA ASN A 111 -13.44 -19.17 15.45
C ASN A 111 -11.92 -19.30 15.46
N ALA A 112 -11.35 -19.40 16.67
CA ALA A 112 -9.92 -19.58 16.83
C ALA A 112 -9.57 -20.97 17.37
N LEU A 113 -10.49 -21.92 17.17
CA LEU A 113 -10.27 -23.31 17.54
C LEU A 113 -9.20 -23.92 16.65
N VAL A 114 -8.62 -25.05 17.09
CA VAL A 114 -7.54 -25.69 16.35
C VAL A 114 -8.01 -26.99 15.70
N GLY A 115 -7.88 -27.06 14.38
CA GLY A 115 -8.14 -28.28 13.63
C GLY A 115 -9.61 -28.68 13.48
N ALA A 116 -9.85 -29.98 13.63
CA ALA A 116 -11.15 -30.61 13.36
C ALA A 116 -12.30 -30.09 14.22
N LEU A 117 -11.99 -29.64 15.43
CA LEU A 117 -12.97 -29.09 16.34
C LEU A 117 -13.64 -27.82 15.80
N GLY A 118 -13.05 -27.25 14.75
CA GLY A 118 -13.52 -25.98 14.18
C GLY A 118 -14.51 -26.07 13.04
N LEU A 119 -14.50 -27.19 12.31
CA LEU A 119 -15.36 -27.36 11.12
C LEU A 119 -16.85 -27.15 11.38
N ARG A 120 -17.44 -27.92 12.31
CA ARG A 120 -18.86 -27.81 12.61
C ARG A 120 -19.29 -26.45 13.20
N PRO A 121 -18.53 -25.93 14.18
CA PRO A 121 -18.79 -24.56 14.67
C PRO A 121 -18.74 -23.48 13.59
N THR A 122 -17.89 -23.67 12.57
CA THR A 122 -17.83 -22.77 11.42
C THR A 122 -19.15 -22.79 10.63
N LEU A 123 -19.62 -23.99 10.30
CA LEU A 123 -20.86 -24.16 9.54
C LEU A 123 -22.08 -23.65 10.31
N ALA A 124 -22.10 -23.92 11.62
CA ALA A 124 -23.17 -23.44 12.50
C ALA A 124 -23.20 -21.91 12.62
N ALA A 125 -22.01 -21.29 12.69
CA ALA A 125 -21.91 -19.83 12.77
C ALA A 125 -22.37 -19.18 11.46
N LEU A 126 -22.01 -19.81 10.33
CA LEU A 126 -22.45 -19.36 9.03
C LEU A 126 -23.97 -19.50 8.86
N LYS A 127 -24.56 -20.49 9.53
CA LYS A 127 -26.01 -20.70 9.51
C LYS A 127 -26.76 -19.62 10.29
N THR A 128 -26.13 -19.08 11.34
CA THR A 128 -26.74 -18.00 12.15
C THR A 128 -26.83 -16.67 11.40
N GLY A 129 -26.11 -16.55 10.28
CA GLY A 129 -26.05 -15.29 9.53
C GLY A 129 -25.06 -14.28 10.08
N ALA A 130 -24.51 -14.57 11.25
CA ALA A 130 -23.51 -13.71 11.88
C ALA A 130 -22.20 -13.70 11.07
N ARG A 131 -21.40 -12.65 11.27
CA ARG A 131 -20.07 -12.56 10.68
C ARG A 131 -19.17 -13.64 11.29
N LEU A 132 -18.40 -14.30 10.44
CA LEU A 132 -17.41 -15.27 10.91
C LEU A 132 -15.99 -14.71 10.80
N ALA A 133 -15.45 -14.30 11.94
CA ALA A 133 -14.04 -13.93 12.03
C ALA A 133 -13.25 -15.22 12.13
N LEU A 134 -12.75 -15.67 10.98
CA LEU A 134 -12.15 -17.01 10.88
C LEU A 134 -10.64 -17.02 11.05
N ALA A 135 -10.20 -17.69 12.12
CA ALA A 135 -8.77 -17.91 12.39
C ALA A 135 -8.39 -19.36 12.10
N ASN A 136 -9.31 -20.28 12.41
CA ASN A 136 -9.17 -21.71 12.17
C ASN A 136 -9.08 -22.07 10.68
N LYS A 137 -7.87 -22.39 10.24
CA LYS A 137 -7.58 -22.69 8.84
C LYS A 137 -8.32 -23.91 8.32
N GLU A 138 -8.46 -24.91 9.19
CA GLU A 138 -9.06 -26.22 8.89
C GLU A 138 -10.45 -26.09 8.28
N SER A 139 -11.28 -25.24 8.87
CA SER A 139 -12.63 -24.98 8.36
C SER A 139 -12.66 -24.81 6.84
N LEU A 140 -11.97 -23.79 6.35
CA LEU A 140 -11.93 -23.51 4.93
C LEU A 140 -11.19 -24.57 4.14
N VAL A 141 -9.96 -24.87 4.55
CA VAL A 141 -9.11 -25.78 3.79
C VAL A 141 -9.73 -27.17 3.66
N ALA A 142 -10.27 -27.69 4.76
CA ALA A 142 -10.89 -29.01 4.76
C ALA A 142 -12.27 -28.96 4.11
N GLY A 143 -13.16 -28.12 4.63
CA GLY A 143 -14.54 -27.98 4.14
C GLY A 143 -14.66 -27.51 2.70
N GLY A 144 -13.83 -26.54 2.33
CA GLY A 144 -13.78 -26.05 0.95
C GLY A 144 -15.11 -25.53 0.45
N SER A 145 -15.58 -26.14 -0.64
CA SER A 145 -16.85 -25.78 -1.28
C SER A 145 -18.04 -25.89 -0.33
N LEU A 146 -18.06 -26.92 0.51
CA LEU A 146 -19.10 -27.08 1.53
C LEU A 146 -19.25 -25.83 2.39
N VAL A 147 -18.12 -25.30 2.88
CA VAL A 147 -18.10 -24.09 3.69
C VAL A 147 -18.51 -22.87 2.84
N LEU A 148 -18.04 -22.83 1.61
CA LEU A 148 -18.34 -21.72 0.70
C LEU A 148 -19.84 -21.59 0.40
N ARG A 149 -20.48 -22.73 0.11
CA ARG A 149 -21.94 -22.78 -0.11
C ARG A 149 -22.70 -22.28 1.11
N ALA A 150 -22.18 -22.59 2.30
CA ALA A 150 -22.81 -22.19 3.57
C ALA A 150 -22.66 -20.70 3.86
N ALA A 151 -21.82 -20.03 3.08
CA ALA A 151 -21.48 -18.62 3.33
C ALA A 151 -22.09 -17.68 2.29
N ARG A 152 -22.54 -16.51 2.76
CA ARG A 152 -22.92 -15.41 1.87
C ARG A 152 -21.68 -14.54 1.60
N PRO A 153 -21.67 -13.84 0.46
CA PRO A 153 -20.57 -12.90 0.14
C PRO A 153 -20.20 -11.99 1.32
N GLY A 154 -18.91 -11.98 1.66
CA GLY A 154 -18.38 -11.10 2.70
C GLY A 154 -18.64 -11.49 4.15
N GLN A 155 -19.25 -12.65 4.37
CA GLN A 155 -19.59 -13.11 5.72
C GLN A 155 -18.37 -13.62 6.47
N ILE A 156 -17.45 -14.25 5.73
CA ILE A 156 -16.19 -14.68 6.30
C ILE A 156 -15.18 -13.55 6.19
N VAL A 157 -14.70 -13.10 7.34
CA VAL A 157 -13.64 -12.12 7.43
C VAL A 157 -12.42 -12.78 8.07
N PRO A 158 -11.29 -12.81 7.35
CA PRO A 158 -10.11 -13.53 7.84
C PRO A 158 -9.40 -12.84 9.02
N VAL A 159 -8.95 -13.66 9.96
CA VAL A 159 -8.14 -13.19 11.08
C VAL A 159 -6.66 -13.36 10.74
N ASP A 160 -6.34 -14.33 9.90
CA ASP A 160 -4.97 -14.58 9.46
C ASP A 160 -4.31 -13.29 8.98
N SER A 161 -3.08 -13.03 9.41
CA SER A 161 -2.37 -11.78 9.06
C SER A 161 -2.20 -11.55 7.54
N GLU A 162 -1.90 -12.61 6.79
CA GLU A 162 -1.74 -12.51 5.33
C GLU A 162 -3.04 -12.15 4.65
N HIS A 163 -4.13 -12.84 5.00
CA HIS A 163 -5.43 -12.60 4.39
C HIS A 163 -6.07 -11.29 4.81
N SER A 164 -5.83 -10.89 6.06
CA SER A 164 -6.21 -9.55 6.53
C SER A 164 -5.49 -8.47 5.72
N ALA A 165 -4.19 -8.67 5.49
CA ALA A 165 -3.40 -7.82 4.62
C ALA A 165 -3.96 -7.77 3.20
N LEU A 166 -4.30 -8.93 2.64
CA LEU A 166 -4.83 -9.00 1.27
C LEU A 166 -6.16 -8.25 1.17
N ALA A 167 -7.05 -8.47 2.13
CA ALA A 167 -8.35 -7.80 2.16
C ALA A 167 -8.21 -6.27 2.13
N GLN A 168 -7.24 -5.75 2.89
CA GLN A 168 -6.97 -4.31 2.96
C GLN A 168 -6.36 -3.79 1.67
N CYS A 169 -5.44 -4.56 1.10
CA CYS A 169 -4.76 -4.18 -0.13
C CYS A 169 -5.70 -4.22 -1.34
N LEU A 170 -6.70 -5.08 -1.27
CA LEU A 170 -7.70 -5.21 -2.33
C LEU A 170 -8.55 -3.94 -2.45
N ARG A 171 -8.60 -3.15 -1.38
CA ARG A 171 -9.26 -1.84 -1.41
C ARG A 171 -8.56 -0.89 -2.38
N GLY A 172 -7.36 -1.27 -2.83
CA GLY A 172 -6.58 -0.46 -3.77
C GLY A 172 -7.09 -0.42 -5.20
N GLY A 173 -8.10 -1.24 -5.51
CA GLY A 173 -8.73 -1.24 -6.82
C GLY A 173 -10.05 -1.96 -6.86
N THR A 174 -10.57 -2.19 -8.06
CA THR A 174 -11.78 -2.98 -8.28
C THR A 174 -11.37 -4.44 -8.53
N PRO A 175 -12.27 -5.42 -8.24
CA PRO A 175 -11.95 -6.84 -8.44
C PRO A 175 -11.36 -7.15 -9.82
N ASP A 176 -11.77 -6.39 -10.83
CA ASP A 176 -11.32 -6.62 -12.21
C ASP A 176 -9.91 -6.11 -12.51
N GLU A 177 -9.33 -5.35 -11.58
CA GLU A 177 -7.98 -4.78 -11.76
C GLU A 177 -6.88 -5.60 -11.06
N VAL A 178 -7.28 -6.68 -10.39
CA VAL A 178 -6.32 -7.54 -9.68
C VAL A 178 -5.57 -8.44 -10.66
N ALA A 179 -4.25 -8.29 -10.72
CA ALA A 179 -3.39 -9.13 -11.54
C ALA A 179 -2.87 -10.36 -10.78
N LYS A 180 -2.52 -10.17 -9.51
CA LYS A 180 -1.92 -11.22 -8.68
C LYS A 180 -2.04 -10.91 -7.21
N LEU A 181 -2.17 -11.95 -6.41
CA LEU A 181 -2.07 -11.82 -4.95
C LEU A 181 -0.72 -12.38 -4.52
N VAL A 182 -0.02 -11.65 -3.67
CA VAL A 182 1.32 -12.06 -3.26
C VAL A 182 1.37 -12.23 -1.75
N LEU A 183 1.43 -13.49 -1.33
CA LEU A 183 1.58 -13.81 0.08
C LEU A 183 3.05 -13.80 0.48
N THR A 184 3.36 -13.17 1.60
CA THR A 184 4.70 -13.22 2.15
C THR A 184 4.80 -14.40 3.11
N ALA A 185 6.00 -14.97 3.20
CA ALA A 185 6.29 -16.10 4.06
C ALA A 185 7.58 -15.83 4.83
N SER A 186 7.58 -16.11 6.13
CA SER A 186 8.77 -15.89 6.94
C SER A 186 9.95 -16.72 6.40
N GLY A 187 9.63 -17.90 5.89
CA GLY A 187 10.65 -18.85 5.48
C GLY A 187 10.94 -19.86 6.59
N GLY A 188 10.55 -19.53 7.82
CA GLY A 188 10.78 -20.41 8.97
C GLY A 188 12.23 -20.39 9.43
N PRO A 189 12.57 -21.22 10.45
CA PRO A 189 13.94 -21.19 10.99
C PRO A 189 14.93 -21.90 10.08
N PHE A 190 14.43 -22.64 9.09
CA PHE A 190 15.29 -23.45 8.23
C PHE A 190 15.50 -22.82 6.85
N ARG A 191 15.30 -21.51 6.78
CA ARG A 191 15.64 -20.73 5.60
C ARG A 191 17.13 -20.89 5.31
N GLY A 192 17.46 -21.25 4.07
CA GLY A 192 18.85 -21.51 3.68
C GLY A 192 19.28 -22.97 3.74
N TRP A 193 18.70 -23.74 4.67
CA TRP A 193 19.02 -25.16 4.88
C TRP A 193 18.77 -26.02 3.64
N SER A 194 19.51 -27.11 3.53
CA SER A 194 19.35 -28.09 2.45
C SER A 194 18.46 -29.24 2.90
N ALA A 195 18.10 -30.12 1.96
CA ALA A 195 17.34 -31.33 2.28
C ALA A 195 18.07 -32.20 3.31
N ALA A 196 19.39 -32.25 3.21
CA ALA A 196 20.23 -32.99 4.16
C ALA A 196 20.26 -32.34 5.54
N ASP A 197 20.26 -31.01 5.56
CA ASP A 197 20.25 -30.24 6.81
C ASP A 197 18.98 -30.52 7.62
N LEU A 198 17.86 -30.61 6.92
CA LEU A 198 16.54 -30.85 7.53
C LEU A 198 16.42 -32.22 8.19
N GLU A 199 17.21 -33.19 7.72
CA GLU A 199 17.14 -34.57 8.23
C GLU A 199 17.43 -34.70 9.72
N HIS A 200 18.06 -33.69 10.31
CA HIS A 200 18.46 -33.73 11.71
C HIS A 200 17.86 -32.62 12.58
N VAL A 201 16.55 -32.42 12.49
CA VAL A 201 15.84 -31.47 13.37
C VAL A 201 14.93 -32.14 14.39
N THR A 202 14.92 -31.59 15.61
CA THR A 202 14.15 -32.11 16.74
C THR A 202 12.85 -31.29 16.94
N PRO A 203 11.80 -31.93 17.53
CA PRO A 203 10.59 -31.28 18.04
C PRO A 203 10.74 -29.89 18.66
N GLU A 204 11.82 -29.65 19.41
CA GLU A 204 12.06 -28.34 20.03
C GLU A 204 12.68 -27.35 19.05
N GLN A 205 13.46 -27.88 18.10
CA GLN A 205 14.09 -27.08 17.05
C GLN A 205 13.03 -26.59 16.06
N ALA A 206 12.10 -27.47 15.72
CA ALA A 206 10.98 -27.14 14.83
C ALA A 206 9.90 -26.35 15.55
N GLY A 207 10.12 -26.13 16.86
CA GLY A 207 9.21 -25.35 17.69
C GLY A 207 7.91 -26.08 17.99
N ASN A 218 1.34 -25.28 13.97
CA ASN A 218 1.38 -23.93 13.39
C ASN A 218 2.81 -23.43 13.22
N THR A 219 3.59 -23.48 14.30
CA THR A 219 5.00 -23.13 14.26
C THR A 219 5.79 -24.20 13.50
N LEU A 220 5.40 -25.47 13.70
CA LEU A 220 5.95 -26.55 12.90
C LEU A 220 5.55 -26.40 11.43
N ASN A 221 4.30 -26.04 11.19
CA ASN A 221 3.81 -25.79 9.81
C ASN A 221 4.53 -24.61 9.15
N SER A 222 4.85 -23.57 9.94
CA SER A 222 5.68 -22.46 9.46
C SER A 222 7.03 -22.98 8.97
N ALA A 223 7.66 -23.79 9.82
CA ALA A 223 8.97 -24.37 9.52
C ALA A 223 8.99 -25.26 8.30
N SER A 224 7.91 -26.02 8.08
CA SER A 224 7.80 -26.94 6.95
C SER A 224 7.27 -26.29 5.67
N LEU A 225 6.72 -25.07 5.82
CA LEU A 225 6.08 -24.31 4.73
C LEU A 225 4.68 -24.81 4.38
N VAL A 226 4.22 -25.86 5.06
CA VAL A 226 2.85 -26.33 4.93
C VAL A 226 1.87 -25.22 5.30
N ASN A 227 2.23 -24.39 6.28
CA ASN A 227 1.39 -23.25 6.65
C ASN A 227 1.08 -22.36 5.45
N LYS A 228 2.12 -22.04 4.67
CA LYS A 228 1.97 -21.23 3.46
C LYS A 228 1.17 -21.98 2.39
N GLY A 229 1.36 -23.30 2.33
CA GLY A 229 0.54 -24.14 1.47
C GLY A 229 -0.93 -23.97 1.81
N LEU A 230 -1.25 -24.09 3.10
CA LEU A 230 -2.61 -23.92 3.62
C LEU A 230 -3.18 -22.51 3.38
N GLU A 231 -2.32 -21.50 3.49
CA GLU A 231 -2.74 -20.11 3.27
C GLU A 231 -2.98 -19.78 1.79
N VAL A 232 -2.23 -20.43 0.90
CA VAL A 232 -2.48 -20.35 -0.55
C VAL A 232 -3.89 -20.88 -0.90
N ILE A 233 -4.21 -22.08 -0.42
CA ILE A 233 -5.56 -22.65 -0.54
C ILE A 233 -6.61 -21.69 0.04
N GLU A 234 -6.38 -21.23 1.28
CA GLU A 234 -7.25 -20.27 1.94
C GLU A 234 -7.51 -19.01 1.10
N THR A 235 -6.46 -18.52 0.45
CA THR A 235 -6.49 -17.33 -0.39
C THR A 235 -7.39 -17.54 -1.62
N HIS A 236 -7.23 -18.68 -2.28
CA HIS A 236 -8.08 -19.02 -3.42
C HIS A 236 -9.55 -19.07 -3.02
N LEU A 237 -9.84 -19.72 -1.90
CA LEU A 237 -11.20 -19.91 -1.43
C LEU A 237 -11.83 -18.62 -0.93
N LEU A 238 -11.04 -17.82 -0.22
CA LEU A 238 -11.50 -16.52 0.28
C LEU A 238 -11.77 -15.50 -0.84
N PHE A 239 -10.82 -15.36 -1.77
CA PHE A 239 -10.84 -14.25 -2.72
C PHE A 239 -11.15 -14.64 -4.16
N GLY A 240 -11.27 -15.94 -4.43
CA GLY A 240 -11.65 -16.43 -5.75
C GLY A 240 -10.66 -16.09 -6.84
N ILE A 241 -9.37 -16.14 -6.51
CA ILE A 241 -8.33 -15.90 -7.50
C ILE A 241 -7.70 -17.24 -7.89
N PRO A 242 -7.55 -17.51 -9.20
CA PRO A 242 -6.87 -18.71 -9.70
C PRO A 242 -5.53 -18.98 -9.01
N TYR A 243 -5.15 -20.24 -8.91
CA TYR A 243 -3.91 -20.64 -8.23
C TYR A 243 -2.65 -20.16 -8.91
N ASP A 244 -2.68 -20.04 -10.24
CA ASP A 244 -1.52 -19.54 -10.96
C ASP A 244 -1.35 -18.01 -10.84
N ARG A 245 -2.28 -17.34 -10.14
CA ARG A 245 -2.16 -15.90 -9.85
C ARG A 245 -2.03 -15.61 -8.33
N ILE A 246 -1.68 -16.64 -7.57
CA ILE A 246 -1.31 -16.50 -6.17
C ILE A 246 0.17 -16.83 -6.05
N ASP A 247 0.99 -15.82 -5.78
CA ASP A 247 2.43 -15.99 -5.65
C ASP A 247 2.84 -16.01 -4.17
N VAL A 248 4.01 -16.57 -3.90
CA VAL A 248 4.58 -16.56 -2.55
C VAL A 248 6.02 -16.04 -2.60
N VAL A 249 6.32 -15.11 -1.71
CA VAL A 249 7.68 -14.57 -1.56
C VAL A 249 8.11 -14.72 -0.11
N VAL A 250 9.38 -15.01 0.09
CA VAL A 250 9.92 -15.12 1.45
C VAL A 250 10.36 -13.74 1.93
N HIS A 251 9.85 -13.35 3.10
CA HIS A 251 10.13 -12.06 3.69
C HIS A 251 10.38 -12.29 5.17
N PRO A 252 11.66 -12.46 5.54
CA PRO A 252 12.09 -12.88 6.87
C PRO A 252 11.67 -11.96 8.00
N GLN A 253 11.49 -10.68 7.71
CA GLN A 253 11.15 -9.70 8.73
C GLN A 253 9.69 -9.79 9.14
N SER A 254 8.88 -10.36 8.26
CA SER A 254 7.42 -10.43 8.43
C SER A 254 6.83 -9.04 8.77
N ILE A 255 7.31 -8.01 8.08
CA ILE A 255 6.76 -6.66 8.27
C ILE A 255 5.66 -6.45 7.22
N ILE A 256 5.97 -6.74 5.96
CA ILE A 256 4.95 -6.80 4.93
C ILE A 256 4.21 -8.13 5.05
N HIS A 257 2.92 -8.06 5.33
CA HIS A 257 2.12 -9.24 5.62
C HIS A 257 1.44 -9.86 4.40
N SER A 258 1.36 -9.07 3.33
CA SER A 258 1.02 -9.54 1.98
C SER A 258 0.79 -8.34 1.07
N MET A 259 0.60 -8.62 -0.23
CA MET A 259 0.54 -7.59 -1.26
C MET A 259 -0.43 -7.98 -2.35
N VAL A 260 -1.00 -6.98 -3.02
CA VAL A 260 -1.83 -7.21 -4.20
C VAL A 260 -1.24 -6.43 -5.36
N THR A 261 -0.92 -7.12 -6.46
CA THR A 261 -0.45 -6.45 -7.66
C THR A 261 -1.62 -6.24 -8.59
N PHE A 262 -1.76 -5.00 -9.08
CA PHE A 262 -2.85 -4.67 -10.00
C PHE A 262 -2.41 -4.64 -11.46
N ILE A 263 -3.39 -4.60 -12.36
CA ILE A 263 -3.13 -4.73 -13.81
C ILE A 263 -2.23 -3.64 -14.40
N ASP A 264 -2.20 -2.47 -13.75
CA ASP A 264 -1.38 -1.35 -14.22
C ASP A 264 0.09 -1.46 -13.86
N GLY A 265 0.42 -2.35 -12.93
CA GLY A 265 1.80 -2.52 -12.47
C GLY A 265 2.04 -2.01 -11.06
N SER A 266 0.98 -1.51 -10.43
CA SER A 266 1.07 -1.01 -9.07
C SER A 266 0.86 -2.14 -8.06
N THR A 267 1.75 -2.22 -7.08
CA THR A 267 1.57 -3.15 -5.97
C THR A 267 1.24 -2.38 -4.72
N ILE A 268 0.16 -2.79 -4.05
CA ILE A 268 -0.24 -2.25 -2.76
C ILE A 268 0.12 -3.29 -1.68
N ALA A 269 0.81 -2.86 -0.64
CA ALA A 269 1.25 -3.76 0.44
C ALA A 269 0.74 -3.29 1.79
N GLN A 270 0.49 -4.24 2.70
CA GLN A 270 0.19 -3.91 4.09
C GLN A 270 1.38 -4.26 4.99
N ALA A 271 1.76 -3.31 5.83
CA ALA A 271 2.92 -3.44 6.71
C ALA A 271 2.57 -3.03 8.13
N SER A 272 3.11 -3.79 9.08
CA SER A 272 3.02 -3.46 10.50
C SER A 272 4.01 -4.32 11.26
N PRO A 273 4.47 -3.86 12.43
CA PRO A 273 5.22 -4.78 13.30
C PRO A 273 4.35 -6.00 13.61
N PRO A 274 4.93 -7.21 13.55
CA PRO A 274 4.18 -8.44 13.83
C PRO A 274 3.41 -8.34 15.15
N ASP A 275 2.08 -8.38 15.06
CA ASP A 275 1.18 -8.29 16.19
C ASP A 275 -0.21 -8.70 15.71
N MET A 276 -0.69 -9.85 16.18
CA MET A 276 -1.96 -10.40 15.76
C MET A 276 -3.18 -9.57 16.17
N LYS A 277 -3.04 -8.70 17.17
CA LYS A 277 -4.14 -7.83 17.58
C LYS A 277 -4.66 -6.94 16.44
N LEU A 278 -3.79 -6.62 15.48
CA LEU A 278 -4.21 -5.82 14.33
C LEU A 278 -5.24 -6.55 13.46
N PRO A 279 -4.85 -7.68 12.83
CA PRO A 279 -5.87 -8.38 12.02
C PRO A 279 -7.07 -8.90 12.83
N ILE A 280 -6.87 -9.15 14.12
CA ILE A 280 -7.98 -9.54 15.00
C ILE A 280 -8.98 -8.39 15.14
N SER A 281 -8.48 -7.20 15.46
CA SER A 281 -9.32 -6.02 15.64
C SER A 281 -10.09 -5.69 14.38
N LEU A 282 -9.44 -5.84 13.22
CA LEU A 282 -10.08 -5.53 11.95
C LEU A 282 -11.16 -6.55 11.61
N ALA A 283 -10.92 -7.82 11.91
CA ALA A 283 -11.88 -8.89 11.64
C ALA A 283 -13.18 -8.71 12.41
N LEU A 284 -13.06 -8.34 13.69
CA LEU A 284 -14.21 -8.15 14.56
C LEU A 284 -15.03 -6.93 14.14
N GLY A 285 -14.35 -5.83 13.81
CA GLY A 285 -15.04 -4.58 13.48
C GLY A 285 -15.17 -4.27 12.02
N TRP A 286 -14.86 -5.25 11.16
CA TRP A 286 -14.91 -5.07 9.70
C TRP A 286 -16.23 -4.42 9.26
N PRO A 287 -16.15 -3.39 8.39
CA PRO A 287 -14.96 -2.85 7.72
C PRO A 287 -14.24 -1.71 8.45
N ARG A 288 -14.69 -1.40 9.67
CA ARG A 288 -14.14 -0.29 10.44
C ARG A 288 -12.85 -0.66 11.15
N ARG A 289 -11.88 0.25 11.14
CA ARG A 289 -10.61 0.05 11.85
C ARG A 289 -10.75 0.41 13.34
N VAL A 290 -9.94 -0.25 14.18
CA VAL A 290 -10.01 -0.07 15.63
C VAL A 290 -8.79 0.70 16.13
N SER A 291 -9.03 1.91 16.62
CA SER A 291 -7.96 2.80 17.05
C SER A 291 -7.11 2.23 18.18
N GLY A 292 -5.79 2.31 18.03
CA GLY A 292 -4.85 1.82 19.04
C GLY A 292 -4.71 0.30 19.13
N ALA A 293 -5.21 -0.41 18.12
CA ALA A 293 -5.17 -1.88 18.12
C ALA A 293 -3.73 -2.41 18.22
N ALA A 294 -2.84 -1.84 17.42
CA ALA A 294 -1.45 -2.26 17.38
C ALA A 294 -0.53 -1.06 17.16
N ALA A 295 0.74 -1.22 17.53
CA ALA A 295 1.74 -0.20 17.23
C ALA A 295 1.96 -0.12 15.73
N ALA A 296 2.08 1.09 15.20
CA ALA A 296 2.36 1.28 13.78
C ALA A 296 3.85 1.17 13.53
N CYS A 297 4.22 0.94 12.28
CA CYS A 297 5.61 1.04 11.85
C CYS A 297 6.19 2.38 12.28
N ASP A 298 7.37 2.29 12.88
CA ASP A 298 8.07 3.43 13.43
C ASP A 298 9.33 3.58 12.62
N PHE A 299 9.47 4.71 11.94
CA PHE A 299 10.62 4.95 11.06
C PHE A 299 11.70 5.84 11.67
N HIS A 300 11.74 5.89 13.00
CA HIS A 300 12.76 6.66 13.70
C HIS A 300 14.09 5.90 13.74
N THR A 301 14.02 4.60 13.50
CA THR A 301 15.20 3.77 13.44
C THR A 301 15.29 3.06 12.08
N ALA A 302 16.52 2.90 11.59
CA ALA A 302 16.77 2.27 10.30
C ALA A 302 16.31 0.81 10.29
N SER A 303 15.83 0.36 9.13
CA SER A 303 15.45 -1.03 8.95
C SER A 303 15.58 -1.46 7.49
N SER A 304 15.58 -2.78 7.29
CA SER A 304 15.70 -3.37 5.97
C SER A 304 14.60 -4.42 5.81
N TRP A 305 13.78 -4.28 4.78
CA TRP A 305 12.78 -5.29 4.45
C TRP A 305 13.30 -6.12 3.29
N GLU A 306 13.65 -7.37 3.58
CA GLU A 306 14.25 -8.25 2.59
C GLU A 306 13.23 -9.17 1.93
N PHE A 307 13.44 -9.41 0.65
CA PHE A 307 12.62 -10.32 -0.11
C PHE A 307 13.53 -11.29 -0.85
N GLU A 308 13.12 -12.55 -0.90
CA GLU A 308 13.87 -13.61 -1.58
C GLU A 308 12.92 -14.70 -2.09
N PRO A 309 13.30 -15.38 -3.19
CA PRO A 309 12.45 -16.46 -3.69
C PRO A 309 12.41 -17.64 -2.72
N LEU A 310 11.29 -18.36 -2.73
CA LEU A 310 11.16 -19.59 -1.96
C LEU A 310 12.00 -20.68 -2.62
N ASP A 311 12.75 -21.41 -1.81
CA ASP A 311 13.46 -22.59 -2.29
C ASP A 311 12.46 -23.74 -2.38
N THR A 312 11.87 -23.88 -3.56
CA THR A 312 10.77 -24.81 -3.80
C THR A 312 11.24 -26.28 -3.88
N ASP A 313 12.50 -26.49 -4.23
CA ASP A 313 13.05 -27.85 -4.29
C ASP A 313 13.25 -28.44 -2.90
N VAL A 314 13.68 -27.60 -1.96
CA VAL A 314 13.84 -28.02 -0.58
C VAL A 314 12.51 -27.90 0.17
N PHE A 315 11.64 -26.99 -0.31
CA PHE A 315 10.33 -26.76 0.33
C PHE A 315 9.18 -26.82 -0.68
N PRO A 316 8.78 -28.05 -1.08
CA PRO A 316 7.73 -28.21 -2.10
C PRO A 316 6.28 -28.12 -1.57
N ALA A 317 6.12 -27.81 -0.29
CA ALA A 317 4.79 -27.78 0.34
C ALA A 317 3.76 -26.88 -0.35
N VAL A 318 4.20 -25.73 -0.83
CA VAL A 318 3.30 -24.78 -1.48
C VAL A 318 2.83 -25.25 -2.86
N GLU A 319 3.75 -25.79 -3.66
CA GLU A 319 3.40 -26.34 -4.96
C GLU A 319 2.43 -27.52 -4.82
N LEU A 320 2.66 -28.35 -3.81
CA LEU A 320 1.75 -29.47 -3.49
C LEU A 320 0.36 -28.97 -3.11
N ALA A 321 0.30 -27.85 -2.40
CA ALA A 321 -0.98 -27.25 -2.03
C ALA A 321 -1.69 -26.70 -3.26
N ARG A 322 -0.91 -26.18 -4.21
CA ARG A 322 -1.46 -25.76 -5.51
C ARG A 322 -2.01 -26.96 -6.28
N GLN A 323 -1.24 -28.03 -6.33
CA GLN A 323 -1.71 -29.31 -6.91
C GLN A 323 -3.04 -29.75 -6.28
N ALA A 324 -3.06 -29.84 -4.95
CA ALA A 324 -4.27 -30.21 -4.20
C ALA A 324 -5.43 -29.25 -4.44
N GLY A 325 -5.13 -27.95 -4.46
CA GLY A 325 -6.16 -26.92 -4.68
C GLY A 325 -6.77 -26.96 -6.07
N VAL A 326 -5.91 -27.14 -7.07
CA VAL A 326 -6.33 -27.19 -8.47
C VAL A 326 -7.14 -28.46 -8.75
N ALA A 327 -6.71 -29.58 -8.17
CA ALA A 327 -7.48 -30.81 -8.21
C ALA A 327 -8.86 -30.61 -7.58
N GLY A 328 -8.90 -29.86 -6.48
CA GLY A 328 -10.16 -29.45 -5.85
C GLY A 328 -10.93 -30.57 -5.17
N GLY A 329 -12.16 -30.26 -4.78
CA GLY A 329 -13.03 -31.23 -4.13
C GLY A 329 -12.65 -31.49 -2.69
N CYS A 330 -12.23 -32.73 -2.40
CA CYS A 330 -11.84 -33.15 -1.06
C CYS A 330 -10.31 -33.21 -0.90
N MET A 331 -9.60 -32.85 -1.97
CA MET A 331 -8.13 -32.94 -2.02
C MET A 331 -7.39 -32.04 -1.03
N THR A 332 -8.00 -30.93 -0.65
CA THR A 332 -7.37 -30.00 0.29
C THR A 332 -7.59 -30.46 1.74
N ALA A 333 -8.72 -31.12 1.99
CA ALA A 333 -8.93 -31.86 3.24
C ALA A 333 -7.88 -32.97 3.38
N VAL A 334 -7.59 -33.64 2.25
CA VAL A 334 -6.57 -34.68 2.19
C VAL A 334 -5.19 -34.08 2.50
N TYR A 335 -4.86 -32.99 1.81
CA TYR A 335 -3.61 -32.25 2.03
C TYR A 335 -3.38 -31.95 3.52
N ASN A 336 -4.39 -31.39 4.17
CA ASN A 336 -4.28 -31.00 5.57
C ASN A 336 -4.23 -32.18 6.54
N ALA A 337 -5.10 -33.16 6.35
CA ALA A 337 -5.12 -34.34 7.23
C ALA A 337 -3.84 -35.16 7.12
N ALA A 338 -3.31 -35.31 5.90
CA ALA A 338 -2.03 -35.97 5.70
C ALA A 338 -0.91 -35.25 6.46
N ASN A 339 -0.92 -33.92 6.45
CA ASN A 339 0.03 -33.13 7.22
C ASN A 339 -0.07 -33.37 8.72
N GLU A 340 -1.28 -33.20 9.26
CA GLU A 340 -1.56 -33.34 10.69
C GLU A 340 -1.11 -34.70 11.23
N GLU A 341 -1.26 -35.73 10.40
CA GLU A 341 -0.84 -37.07 10.77
C GLU A 341 0.68 -37.18 10.73
N ALA A 342 1.27 -36.75 9.61
CA ALA A 342 2.73 -36.79 9.45
C ALA A 342 3.46 -35.89 10.48
N ALA A 343 2.89 -34.72 10.75
CA ALA A 343 3.44 -33.80 11.74
C ALA A 343 3.44 -34.40 13.15
N ALA A 344 2.35 -35.09 13.51
CA ALA A 344 2.21 -35.72 14.83
C ALA A 344 3.21 -36.86 15.03
N ALA A 345 3.52 -37.55 13.93
CA ALA A 345 4.53 -38.61 13.92
C ALA A 345 5.92 -38.05 14.22
N PHE A 346 6.23 -36.90 13.63
CA PHE A 346 7.48 -36.19 13.88
C PHE A 346 7.55 -35.74 15.35
N LEU A 347 6.46 -35.14 15.84
CA LEU A 347 6.36 -34.67 17.22
C LEU A 347 6.39 -35.80 18.25
N ALA A 348 6.08 -37.02 17.81
CA ALA A 348 6.19 -38.22 18.64
C ALA A 348 7.56 -38.89 18.48
N GLY A 349 8.37 -38.36 17.55
CA GLY A 349 9.72 -38.88 17.30
C GLY A 349 9.75 -40.10 16.40
N ARG A 350 8.63 -40.38 15.74
CA ARG A 350 8.49 -41.56 14.90
C ARG A 350 9.08 -41.40 13.48
N ILE A 351 9.08 -40.16 12.97
CA ILE A 351 9.67 -39.86 11.66
C ILE A 351 10.57 -38.61 11.69
N GLY A 352 11.38 -38.46 10.64
CA GLY A 352 12.22 -37.26 10.48
C GLY A 352 11.44 -36.06 9.98
N PHE A 353 12.11 -34.92 9.88
CA PHE A 353 11.48 -33.69 9.40
C PHE A 353 11.13 -33.69 7.91
N PRO A 354 12.09 -34.06 7.03
CA PRO A 354 11.79 -34.07 5.59
C PRO A 354 10.72 -35.09 5.20
N ALA A 355 10.39 -35.99 6.12
CA ALA A 355 9.33 -36.98 5.88
C ALA A 355 7.94 -36.38 5.91
N ILE A 356 7.77 -35.26 6.61
CA ILE A 356 6.44 -34.63 6.77
C ILE A 356 5.84 -34.31 5.41
N VAL A 357 6.54 -33.48 4.64
CA VAL A 357 6.08 -33.06 3.31
C VAL A 357 6.17 -34.21 2.30
N GLY A 358 7.12 -35.12 2.53
CA GLY A 358 7.27 -36.32 1.71
C GLY A 358 6.05 -37.23 1.77
N ILE A 359 5.55 -37.43 2.98
CA ILE A 359 4.33 -38.22 3.19
C ILE A 359 3.12 -37.53 2.55
N ILE A 360 3.03 -36.20 2.69
CA ILE A 360 1.96 -35.43 2.05
C ILE A 360 1.88 -35.71 0.54
N ALA A 361 3.04 -35.71 -0.12
CA ALA A 361 3.12 -35.96 -1.56
C ALA A 361 2.68 -37.38 -1.92
N ASP A 362 3.05 -38.34 -1.07
CA ASP A 362 2.72 -39.75 -1.26
C ASP A 362 1.21 -39.95 -1.16
N VAL A 363 0.62 -39.44 -0.07
CA VAL A 363 -0.82 -39.52 0.15
C VAL A 363 -1.62 -38.85 -0.97
N LEU A 364 -1.18 -37.65 -1.37
CA LEU A 364 -1.83 -36.94 -2.48
C LEU A 364 -1.79 -37.69 -3.82
N HIS A 365 -0.70 -38.38 -4.10
CA HIS A 365 -0.57 -39.11 -5.36
C HIS A 365 -1.45 -40.37 -5.42
N ALA A 366 -1.72 -40.94 -4.25
CA ALA A 366 -2.65 -42.06 -4.13
C ALA A 366 -4.11 -41.58 -4.08
N ALA A 367 -4.30 -40.26 -4.00
CA ALA A 367 -5.62 -39.65 -3.74
C ALA A 367 -6.46 -39.38 -4.99
N ASP A 368 -6.14 -40.05 -6.10
CA ASP A 368 -6.92 -39.95 -7.34
C ASP A 368 -8.42 -39.78 -7.11
N GLN A 369 -9.01 -40.68 -6.32
CA GLN A 369 -10.45 -40.75 -6.05
C GLN A 369 -11.07 -39.51 -5.39
N TRP A 370 -10.25 -38.71 -4.72
CA TRP A 370 -10.77 -37.64 -3.85
C TRP A 370 -10.95 -36.28 -4.52
N ALA A 371 -10.87 -36.26 -5.85
CA ALA A 371 -11.15 -35.06 -6.63
C ALA A 371 -12.65 -34.91 -6.92
N VAL A 372 -13.45 -35.20 -5.91
CA VAL A 372 -14.91 -35.10 -5.99
C VAL A 372 -15.37 -34.08 -4.94
N GLU A 373 -16.31 -33.22 -5.31
CA GLU A 373 -16.85 -32.21 -4.39
C GLU A 373 -17.58 -32.86 -3.20
N PRO A 374 -17.29 -32.39 -1.98
CA PRO A 374 -17.95 -32.91 -0.79
C PRO A 374 -19.39 -32.42 -0.66
N ALA A 375 -20.34 -33.35 -0.69
CA ALA A 375 -21.75 -33.02 -0.58
C ALA A 375 -22.17 -32.76 0.85
N THR A 376 -21.49 -33.43 1.79
CA THR A 376 -21.81 -33.36 3.22
C THR A 376 -20.55 -33.28 4.08
N VAL A 377 -20.75 -32.99 5.36
CA VAL A 377 -19.68 -32.96 6.36
C VAL A 377 -18.96 -34.32 6.44
N ASP A 378 -19.72 -35.39 6.24
CA ASP A 378 -19.18 -36.75 6.33
C ASP A 378 -18.27 -37.10 5.18
N ASP A 379 -18.50 -36.49 4.01
CA ASP A 379 -17.60 -36.63 2.88
C ASP A 379 -16.22 -36.08 3.23
N VAL A 380 -16.22 -34.96 3.95
CA VAL A 380 -14.99 -34.33 4.44
C VAL A 380 -14.30 -35.24 5.46
N LEU A 381 -15.05 -35.70 6.46
CA LEU A 381 -14.52 -36.60 7.50
C LEU A 381 -14.05 -37.95 6.95
N ASP A 382 -14.71 -38.45 5.89
CA ASP A 382 -14.22 -39.65 5.19
C ASP A 382 -12.88 -39.38 4.51
N ALA A 383 -12.76 -38.21 3.88
CA ALA A 383 -11.52 -37.82 3.21
C ALA A 383 -10.36 -37.72 4.20
N GLN A 384 -10.64 -37.15 5.36
CA GLN A 384 -9.64 -36.96 6.41
C GLN A 384 -9.21 -38.30 7.02
N ARG A 385 -10.18 -39.16 7.33
CA ARG A 385 -9.92 -40.52 7.79
C ARG A 385 -9.05 -41.28 6.79
N TRP A 386 -9.45 -41.26 5.52
CA TRP A 386 -8.67 -41.90 4.46
C TRP A 386 -7.24 -41.39 4.43
N ALA A 387 -7.08 -40.06 4.57
CA ALA A 387 -5.77 -39.41 4.54
C ALA A 387 -4.90 -39.79 5.74
N ARG A 388 -5.47 -39.74 6.95
CA ARG A 388 -4.79 -40.15 8.17
C ARG A 388 -4.25 -41.57 8.10
N GLU A 389 -5.08 -42.48 7.60
CA GLU A 389 -4.74 -43.91 7.54
C GLU A 389 -3.68 -44.22 6.49
N ARG A 390 -3.77 -43.57 5.34
CA ARG A 390 -2.75 -43.70 4.30
C ARG A 390 -1.42 -43.08 4.76
N ALA A 391 -1.51 -42.01 5.56
CA ALA A 391 -0.34 -41.40 6.15
C ALA A 391 0.27 -42.29 7.23
N GLN A 392 -0.59 -42.84 8.10
CA GLN A 392 -0.16 -43.78 9.15
C GLN A 392 0.52 -45.03 8.61
N ARG A 393 0.14 -45.45 7.40
CA ARG A 393 0.81 -46.54 6.70
C ARG A 393 2.21 -46.14 6.24
N ALA A 394 2.32 -44.98 5.60
CA ALA A 394 3.61 -44.46 5.14
C ALA A 394 4.62 -44.38 6.28
N VAL A 395 4.15 -43.93 7.45
CA VAL A 395 4.96 -43.85 8.66
C VAL A 395 5.50 -45.22 9.06
N SER A 396 4.63 -46.22 9.02
CA SER A 396 4.97 -47.60 9.40
C SER A 396 5.83 -48.31 8.37
N GLY A 397 5.67 -47.95 7.09
CA GLY A 397 6.39 -48.58 5.98
C GLY A 397 7.88 -48.30 5.99
N MET A 398 8.24 -47.05 6.33
CA MET A 398 9.64 -46.62 6.37
C MET A 398 10.29 -47.06 7.68
N GLY B 20 -16.94 6.30 -22.73
CA GLY B 20 -15.77 5.52 -22.26
C GLY B 20 -14.45 6.16 -22.65
N ARG B 21 -14.43 6.79 -23.83
CA ARG B 21 -13.23 7.45 -24.32
C ARG B 21 -13.15 8.83 -23.68
N LEU B 22 -12.15 9.01 -22.82
CA LEU B 22 -11.95 10.27 -22.13
C LEU B 22 -11.22 11.28 -23.02
N ARG B 23 -11.77 12.48 -23.11
CA ARG B 23 -11.15 13.57 -23.88
C ARG B 23 -10.09 14.21 -23.01
N VAL B 24 -8.84 14.19 -23.48
CA VAL B 24 -7.68 14.64 -22.70
C VAL B 24 -6.96 15.84 -23.35
N VAL B 25 -6.76 16.89 -22.57
CA VAL B 25 -5.89 17.99 -22.96
C VAL B 25 -4.54 17.77 -22.28
N VAL B 26 -3.46 17.83 -23.08
CA VAL B 26 -2.11 17.70 -22.53
C VAL B 26 -1.37 19.03 -22.58
N LEU B 27 -1.16 19.64 -21.41
CA LEU B 27 -0.40 20.88 -21.35
C LEU B 27 1.04 20.57 -20.97
N GLY B 28 1.97 21.25 -21.65
CA GLY B 28 3.40 20.93 -21.53
C GLY B 28 3.68 19.59 -22.17
N SER B 29 3.18 19.43 -23.39
CA SER B 29 3.18 18.16 -24.10
C SER B 29 4.55 17.70 -24.58
N THR B 30 5.52 18.60 -24.60
CA THR B 30 6.84 18.31 -25.20
C THR B 30 7.90 17.92 -24.17
N GLY B 31 7.57 18.02 -22.89
CA GLY B 31 8.48 17.61 -21.82
C GLY B 31 8.38 16.11 -21.56
N SER B 32 9.09 15.63 -20.55
CA SER B 32 9.10 14.20 -20.22
C SER B 32 7.73 13.64 -19.84
N ILE B 33 7.01 14.34 -18.97
CA ILE B 33 5.67 13.90 -18.56
C ILE B 33 4.70 13.92 -19.74
N GLY B 34 4.70 15.02 -20.48
CA GLY B 34 3.83 15.15 -21.66
C GLY B 34 4.00 14.03 -22.64
N THR B 35 5.25 13.78 -23.03
CA THR B 35 5.54 12.74 -24.03
C THR B 35 5.18 11.33 -23.57
N GLN B 36 5.32 11.07 -22.26
CA GLN B 36 4.95 9.76 -21.72
C GLN B 36 3.43 9.57 -21.66
N ALA B 37 2.71 10.64 -21.34
CA ALA B 37 1.23 10.62 -21.34
C ALA B 37 0.66 10.38 -22.74
N LEU B 38 1.26 11.00 -23.74
CA LEU B 38 0.85 10.80 -25.12
C LEU B 38 1.13 9.37 -25.54
N GLN B 39 2.22 8.81 -25.02
CA GLN B 39 2.58 7.40 -25.26
C GLN B 39 1.58 6.44 -24.60
N VAL B 40 1.17 6.74 -23.38
CA VAL B 40 0.13 5.97 -22.71
C VAL B 40 -1.19 6.08 -23.48
N ILE B 41 -1.55 7.30 -23.87
CA ILE B 41 -2.78 7.52 -24.67
C ILE B 41 -2.70 6.77 -26.00
N ALA B 42 -1.55 6.86 -26.67
CA ALA B 42 -1.33 6.18 -27.97
C ALA B 42 -1.52 4.67 -27.86
N ASP B 43 -1.03 4.09 -26.77
CA ASP B 43 -1.18 2.65 -26.49
C ASP B 43 -2.60 2.29 -26.06
N ASN B 44 -3.39 3.30 -25.69
CA ASN B 44 -4.74 3.05 -25.18
C ASN B 44 -5.85 3.88 -25.85
N PRO B 45 -5.95 3.84 -27.21
CA PRO B 45 -6.94 4.69 -27.89
C PRO B 45 -8.38 4.32 -27.56
N ASP B 46 -8.57 3.19 -26.87
CA ASP B 46 -9.88 2.79 -26.37
C ASP B 46 -10.29 3.56 -25.11
N ARG B 47 -9.31 4.02 -24.33
N ARG B 47 -9.31 4.03 -24.35
CA ARG B 47 -9.57 4.70 -23.07
CA ARG B 47 -9.53 4.69 -23.06
C ARG B 47 -9.49 6.22 -23.18
C ARG B 47 -9.48 6.21 -23.18
N PHE B 48 -8.59 6.69 -24.03
CA PHE B 48 -8.28 8.12 -24.13
C PHE B 48 -8.30 8.63 -25.56
N GLU B 49 -8.68 9.90 -25.70
CA GLU B 49 -8.56 10.63 -26.94
C GLU B 49 -7.94 11.99 -26.63
N VAL B 50 -6.83 12.31 -27.29
CA VAL B 50 -6.19 13.62 -27.14
C VAL B 50 -7.01 14.68 -27.88
N VAL B 51 -7.41 15.74 -27.17
CA VAL B 51 -8.19 16.81 -27.79
C VAL B 51 -7.52 18.19 -27.75
N GLY B 52 -6.33 18.26 -27.17
CA GLY B 52 -5.60 19.52 -27.14
C GLY B 52 -4.16 19.30 -26.72
N LEU B 53 -3.30 20.18 -27.20
CA LEU B 53 -1.88 20.16 -26.85
C LEU B 53 -1.44 21.59 -26.66
N ALA B 54 -0.58 21.82 -25.66
CA ALA B 54 0.06 23.11 -25.48
C ALA B 54 1.52 22.98 -25.04
N ALA B 55 2.34 23.95 -25.45
CA ALA B 55 3.75 24.01 -25.06
C ALA B 55 4.28 25.42 -25.31
N GLY B 56 5.38 25.79 -24.65
CA GLY B 56 6.00 27.11 -24.80
C GLY B 56 6.66 27.29 -26.16
N GLY B 57 6.79 28.54 -26.59
CA GLY B 57 7.30 28.90 -27.93
C GLY B 57 8.69 28.38 -28.28
N ALA B 58 9.52 28.15 -27.27
CA ALA B 58 10.84 27.57 -27.46
C ALA B 58 10.77 26.12 -27.96
N HIS B 59 9.63 25.46 -27.75
CA HIS B 59 9.47 24.05 -28.11
C HIS B 59 8.52 23.85 -29.29
N LEU B 60 8.37 24.88 -30.10
CA LEU B 60 7.40 24.87 -31.21
C LEU B 60 7.62 23.72 -32.19
N ASP B 61 8.87 23.49 -32.57
CA ASP B 61 9.21 22.46 -33.55
C ASP B 61 8.76 21.08 -33.10
N THR B 62 8.94 20.78 -31.81
CA THR B 62 8.46 19.51 -31.25
C THR B 62 6.92 19.44 -31.21
N LEU B 63 6.29 20.55 -30.84
CA LEU B 63 4.83 20.64 -30.82
C LEU B 63 4.23 20.38 -32.21
N LEU B 64 4.89 20.93 -33.24
CA LEU B 64 4.43 20.75 -34.62
C LEU B 64 4.53 19.29 -35.06
N ARG B 65 5.59 18.62 -34.64
CA ARG B 65 5.75 17.18 -34.87
C ARG B 65 4.64 16.40 -34.19
N GLN B 66 4.27 16.83 -32.99
CA GLN B 66 3.19 16.20 -32.23
C GLN B 66 1.82 16.38 -32.89
N ARG B 67 1.57 17.57 -33.43
CA ARG B 67 0.34 17.82 -34.20
C ARG B 67 0.19 16.82 -35.34
N ALA B 68 1.27 16.63 -36.08
CA ALA B 68 1.27 15.74 -37.24
C ALA B 68 1.09 14.29 -36.83
N GLN B 69 1.74 13.89 -35.75
CA GLN B 69 1.70 12.52 -35.27
C GLN B 69 0.32 12.15 -34.73
N THR B 70 -0.23 13.01 -33.87
CA THR B 70 -1.55 12.78 -33.28
C THR B 70 -2.71 13.15 -34.20
N GLY B 71 -2.47 14.08 -35.12
CA GLY B 71 -3.56 14.66 -35.92
C GLY B 71 -4.40 15.70 -35.17
N VAL B 72 -3.93 16.13 -34.00
CA VAL B 72 -4.64 17.14 -33.21
C VAL B 72 -4.27 18.53 -33.70
N THR B 73 -5.25 19.27 -34.21
CA THR B 73 -5.00 20.64 -34.65
C THR B 73 -5.26 21.67 -33.54
N ASN B 74 -5.96 21.24 -32.50
CA ASN B 74 -6.26 22.13 -31.37
C ASN B 74 -5.03 22.27 -30.48
N ILE B 75 -4.13 23.14 -30.90
CA ILE B 75 -2.83 23.31 -30.24
C ILE B 75 -2.56 24.76 -29.83
N ALA B 76 -1.82 24.94 -28.75
CA ALA B 76 -1.46 26.27 -28.23
C ALA B 76 0.03 26.42 -28.02
N VAL B 77 0.57 27.57 -28.42
CA VAL B 77 1.90 28.02 -28.00
C VAL B 77 1.71 28.88 -26.76
N ALA B 78 2.20 28.40 -25.62
CA ALA B 78 1.81 28.90 -24.30
C ALA B 78 2.33 30.29 -23.90
N ASP B 79 3.16 30.88 -24.76
CA ASP B 79 3.72 32.22 -24.48
C ASP B 79 3.82 33.08 -25.75
N GLU B 80 4.41 34.27 -25.58
CA GLU B 80 4.53 35.26 -26.65
C GLU B 80 5.70 34.95 -27.60
N HIS B 81 6.46 33.91 -27.30
CA HIS B 81 7.68 33.62 -28.06
C HIS B 81 7.39 32.86 -29.35
N ALA B 82 8.40 32.74 -30.20
CA ALA B 82 8.25 32.22 -31.57
C ALA B 82 7.19 33.00 -32.34
N ALA B 83 7.12 34.31 -32.08
CA ALA B 83 6.05 35.19 -32.57
C ALA B 83 5.98 35.31 -34.09
N GLN B 84 7.11 35.18 -34.77
CA GLN B 84 7.15 35.28 -36.24
C GLN B 84 6.87 33.93 -36.91
N ARG B 85 6.85 32.88 -36.10
CA ARG B 85 6.64 31.52 -36.59
C ARG B 85 5.23 31.03 -36.29
N VAL B 86 4.44 31.91 -35.69
CA VAL B 86 3.02 31.63 -35.48
C VAL B 86 2.21 32.27 -36.60
N GLY B 87 1.21 31.54 -37.07
CA GLY B 87 0.38 31.93 -38.21
C GLY B 87 -0.54 30.79 -38.57
N ASP B 88 -0.22 29.60 -38.07
CA ASP B 88 -1.10 28.44 -38.23
C ASP B 88 -1.40 27.80 -36.87
N ILE B 89 -1.07 28.50 -35.79
CA ILE B 89 -1.33 28.00 -34.44
C ILE B 89 -2.56 28.71 -33.87
N PRO B 90 -3.65 27.94 -33.58
CA PRO B 90 -4.94 28.50 -33.14
C PRO B 90 -4.89 29.35 -31.87
N TYR B 91 -3.99 29.03 -30.95
CA TYR B 91 -3.76 29.86 -29.76
C TYR B 91 -2.28 30.13 -29.58
N HIS B 92 -1.91 31.39 -29.42
CA HIS B 92 -0.52 31.79 -29.15
C HIS B 92 -0.50 33.10 -28.39
N GLY B 93 0.51 33.30 -27.55
CA GLY B 93 0.56 34.48 -26.70
C GLY B 93 0.63 34.11 -25.23
N SER B 94 0.74 35.11 -24.36
CA SER B 94 1.13 34.88 -22.96
C SER B 94 0.25 33.90 -22.16
N ASP B 95 -1.06 33.96 -22.38
CA ASP B 95 -2.01 33.13 -21.63
C ASP B 95 -2.74 32.13 -22.55
N ALA B 96 -2.05 31.68 -23.61
CA ALA B 96 -2.68 30.87 -24.65
C ALA B 96 -3.10 29.47 -24.20
N ALA B 97 -2.29 28.86 -23.35
CA ALA B 97 -2.62 27.56 -22.75
C ALA B 97 -3.91 27.66 -21.94
N THR B 98 -4.07 28.75 -21.19
CA THR B 98 -5.29 29.02 -20.41
C THR B 98 -6.51 29.13 -21.32
N ARG B 99 -6.36 29.83 -22.44
CA ARG B 99 -7.45 29.97 -23.39
C ARG B 99 -7.86 28.64 -24.02
N LEU B 100 -6.88 27.81 -24.38
CA LEU B 100 -7.17 26.46 -24.88
C LEU B 100 -8.00 25.69 -23.86
N VAL B 101 -7.58 25.71 -22.59
CA VAL B 101 -8.32 25.00 -21.55
C VAL B 101 -9.76 25.53 -21.41
N GLU B 102 -9.90 26.85 -21.38
CA GLU B 102 -11.23 27.49 -21.23
C GLU B 102 -12.18 27.12 -22.38
N GLN B 103 -11.61 26.80 -23.54
CA GLN B 103 -12.37 26.72 -24.78
C GLN B 103 -12.50 25.33 -25.38
N THR B 104 -11.83 24.36 -24.75
CA THR B 104 -11.83 22.97 -25.22
C THR B 104 -12.63 22.10 -24.27
N GLU B 105 -13.65 21.43 -24.81
CA GLU B 105 -14.43 20.46 -24.04
C GLU B 105 -13.54 19.24 -23.77
N ALA B 106 -13.36 18.93 -22.49
CA ALA B 106 -12.52 17.81 -22.09
C ALA B 106 -13.01 17.16 -20.79
N ASP B 107 -12.56 15.93 -20.57
CA ASP B 107 -12.85 15.21 -19.33
C ASP B 107 -11.66 15.29 -18.37
N VAL B 108 -10.46 15.43 -18.93
CA VAL B 108 -9.23 15.48 -18.14
C VAL B 108 -8.27 16.48 -18.75
N VAL B 109 -7.70 17.33 -17.90
CA VAL B 109 -6.61 18.19 -18.30
C VAL B 109 -5.36 17.73 -17.54
N LEU B 110 -4.35 17.32 -18.29
CA LEU B 110 -3.04 17.01 -17.73
C LEU B 110 -2.22 18.28 -17.80
N ASN B 111 -1.93 18.86 -16.65
CA ASN B 111 -1.10 20.06 -16.58
C ASN B 111 0.33 19.69 -16.21
N ALA B 112 1.17 19.57 -17.24
CA ALA B 112 2.59 19.33 -17.07
C ALA B 112 3.41 20.53 -17.51
N LEU B 113 2.81 21.72 -17.47
CA LEU B 113 3.56 22.94 -17.69
C LEU B 113 4.54 23.15 -16.55
N VAL B 114 5.65 23.83 -16.85
CA VAL B 114 6.70 24.07 -15.87
C VAL B 114 6.58 25.48 -15.31
N GLY B 115 6.65 25.59 -13.99
CA GLY B 115 6.70 26.90 -13.33
C GLY B 115 5.42 27.71 -13.36
N ALA B 116 5.60 29.03 -13.42
CA ALA B 116 4.50 30.00 -13.31
C ALA B 116 3.47 29.91 -14.44
N LEU B 117 3.89 29.35 -15.58
CA LEU B 117 3.00 29.09 -16.71
C LEU B 117 1.85 28.16 -16.36
N GLY B 118 2.06 27.30 -15.37
CA GLY B 118 1.08 26.28 -15.00
C GLY B 118 -0.12 26.75 -14.18
N LEU B 119 -0.01 27.91 -13.53
CA LEU B 119 -1.04 28.32 -12.54
C LEU B 119 -2.41 28.71 -13.13
N ARG B 120 -2.44 29.63 -14.08
CA ARG B 120 -3.73 29.99 -14.69
C ARG B 120 -4.41 28.84 -15.42
N PRO B 121 -3.65 28.05 -16.20
CA PRO B 121 -4.26 26.85 -16.79
C PRO B 121 -4.87 25.89 -15.74
N THR B 122 -4.19 25.72 -14.61
CA THR B 122 -4.79 24.94 -13.52
C THR B 122 -6.16 25.50 -13.08
N LEU B 123 -6.22 26.82 -12.89
CA LEU B 123 -7.45 27.44 -12.40
C LEU B 123 -8.56 27.37 -13.46
N ALA B 124 -8.18 27.60 -14.72
CA ALA B 124 -9.11 27.43 -15.84
C ALA B 124 -9.64 25.99 -15.90
N ALA B 125 -8.73 25.02 -15.73
CA ALA B 125 -9.10 23.61 -15.82
C ALA B 125 -10.18 23.25 -14.80
N LEU B 126 -9.95 23.66 -13.56
CA LEU B 126 -10.85 23.37 -12.46
C LEU B 126 -12.22 24.01 -12.71
N LYS B 127 -12.22 25.24 -13.19
CA LYS B 127 -13.47 25.95 -13.50
C LYS B 127 -14.31 25.28 -14.61
N THR B 128 -13.67 24.51 -15.49
CA THR B 128 -14.42 23.76 -16.51
C THR B 128 -15.13 22.54 -15.93
N GLY B 129 -14.76 22.12 -14.72
CA GLY B 129 -15.33 20.91 -14.14
C GLY B 129 -14.62 19.61 -14.49
N ALA B 130 -13.62 19.69 -15.35
CA ALA B 130 -12.83 18.52 -15.72
C ALA B 130 -11.92 18.06 -14.59
N ARG B 131 -11.54 16.79 -14.63
CA ARG B 131 -10.51 16.29 -13.74
C ARG B 131 -9.19 16.94 -14.12
N LEU B 132 -8.43 17.33 -13.11
CA LEU B 132 -7.12 17.92 -13.31
C LEU B 132 -6.06 16.93 -12.87
N ALA B 133 -5.38 16.35 -13.86
CA ALA B 133 -4.22 15.51 -13.65
C ALA B 133 -3.01 16.43 -13.52
N LEU B 134 -2.61 16.69 -12.28
CA LEU B 134 -1.68 17.76 -11.99
C LEU B 134 -0.25 17.30 -11.82
N ALA B 135 0.63 17.77 -12.70
CA ALA B 135 2.07 17.52 -12.58
C ALA B 135 2.78 18.79 -12.09
N ASN B 136 2.25 19.94 -12.49
CA ASN B 136 2.81 21.27 -12.19
C ASN B 136 2.84 21.63 -10.70
N LYS B 137 4.04 21.70 -10.13
CA LYS B 137 4.21 21.91 -8.69
C LYS B 137 3.80 23.32 -8.22
N GLU B 138 4.11 24.34 -9.02
CA GLU B 138 3.73 25.72 -8.68
C GLU B 138 2.26 25.93 -8.42
N SER B 139 1.42 25.24 -9.17
CA SER B 139 -0.03 25.32 -8.97
C SER B 139 -0.43 25.22 -7.50
N LEU B 140 0.07 24.20 -6.82
CA LEU B 140 -0.30 24.00 -5.42
C LEU B 140 0.60 24.74 -4.47
N VAL B 141 1.89 24.70 -4.74
CA VAL B 141 2.89 25.28 -3.84
C VAL B 141 2.76 26.81 -3.74
N ALA B 142 2.55 27.46 -4.89
CA ALA B 142 2.37 28.92 -4.92
C ALA B 142 0.89 29.31 -4.81
N GLY B 143 0.05 28.65 -5.62
CA GLY B 143 -1.39 28.89 -5.66
C GLY B 143 -2.11 28.61 -4.36
N GLY B 144 -1.74 27.52 -3.67
CA GLY B 144 -2.34 27.20 -2.38
C GLY B 144 -3.86 27.13 -2.45
N SER B 145 -4.52 27.84 -1.53
CA SER B 145 -5.97 27.82 -1.40
C SER B 145 -6.69 28.48 -2.58
N LEU B 146 -5.99 29.33 -3.33
CA LEU B 146 -6.54 29.85 -4.59
C LEU B 146 -6.96 28.69 -5.50
N VAL B 147 -6.06 27.72 -5.63
CA VAL B 147 -6.31 26.53 -6.43
C VAL B 147 -7.37 25.63 -5.76
N LEU B 148 -7.21 25.39 -4.46
CA LEU B 148 -8.14 24.53 -3.71
C LEU B 148 -9.59 25.00 -3.74
N ARG B 149 -9.79 26.32 -3.63
CA ARG B 149 -11.10 26.96 -3.64
C ARG B 149 -11.84 26.74 -4.96
N ALA B 150 -11.08 26.51 -6.03
CA ALA B 150 -11.62 26.30 -7.36
C ALA B 150 -11.99 24.82 -7.61
N ALA B 151 -11.51 23.94 -6.74
CA ALA B 151 -11.66 22.50 -6.95
C ALA B 151 -12.84 21.93 -6.19
N ARG B 152 -13.49 20.92 -6.78
CA ARG B 152 -14.44 20.11 -6.02
C ARG B 152 -13.67 18.93 -5.39
N PRO B 153 -14.25 18.28 -4.36
CA PRO B 153 -13.57 17.11 -3.78
C PRO B 153 -13.25 16.05 -4.82
N GLY B 154 -11.99 15.59 -4.83
CA GLY B 154 -11.53 14.58 -5.78
C GLY B 154 -11.26 15.05 -7.21
N GLN B 155 -11.44 16.34 -7.46
CA GLN B 155 -11.22 16.87 -8.81
C GLN B 155 -9.75 16.84 -9.21
N ILE B 156 -8.86 17.07 -8.25
CA ILE B 156 -7.42 17.06 -8.56
C ILE B 156 -6.87 15.68 -8.27
N VAL B 157 -6.24 15.08 -9.28
CA VAL B 157 -5.53 13.82 -9.10
C VAL B 157 -4.06 14.05 -9.41
N PRO B 158 -3.18 13.80 -8.43
CA PRO B 158 -1.76 14.04 -8.56
C PRO B 158 -1.06 13.08 -9.52
N VAL B 159 -0.05 13.58 -10.22
CA VAL B 159 0.75 12.81 -11.17
C VAL B 159 2.11 12.39 -10.58
N ASP B 160 2.66 13.17 -9.65
CA ASP B 160 3.96 12.81 -9.08
C ASP B 160 3.87 11.48 -8.32
N SER B 161 4.95 10.70 -8.37
CA SER B 161 5.02 9.36 -7.77
C SER B 161 4.51 9.31 -6.34
N GLU B 162 5.01 10.22 -5.51
CA GLU B 162 4.72 10.18 -4.06
C GLU B 162 3.25 10.43 -3.78
N HIS B 163 2.68 11.44 -4.42
CA HIS B 163 1.30 11.80 -4.20
C HIS B 163 0.33 10.77 -4.81
N SER B 164 0.68 10.21 -5.96
CA SER B 164 -0.09 9.10 -6.55
C SER B 164 -0.10 7.89 -5.60
N ALA B 165 1.06 7.53 -5.09
CA ALA B 165 1.12 6.48 -4.05
C ALA B 165 0.16 6.77 -2.90
N LEU B 166 0.21 7.97 -2.34
CA LEU B 166 -0.69 8.34 -1.24
C LEU B 166 -2.16 8.24 -1.62
N ALA B 167 -2.55 8.75 -2.79
CA ALA B 167 -3.95 8.66 -3.25
C ALA B 167 -4.43 7.22 -3.26
N GLN B 168 -3.55 6.32 -3.72
CA GLN B 168 -3.83 4.87 -3.75
C GLN B 168 -3.94 4.24 -2.36
N CYS B 169 -3.01 4.59 -1.46
CA CYS B 169 -2.99 4.01 -0.12
C CYS B 169 -4.13 4.51 0.77
N LEU B 170 -4.65 5.70 0.44
CA LEU B 170 -5.79 6.26 1.19
C LEU B 170 -7.08 5.51 0.96
N ARG B 171 -7.09 4.65 -0.05
CA ARG B 171 -8.21 3.75 -0.28
C ARG B 171 -8.31 2.65 0.81
N GLY B 172 -7.29 2.55 1.65
CA GLY B 172 -7.22 1.51 2.69
C GLY B 172 -8.07 1.78 3.92
N GLY B 173 -8.70 2.94 3.95
CA GLY B 173 -9.61 3.29 5.03
C GLY B 173 -10.37 4.57 4.74
N THR B 174 -11.20 4.98 5.69
CA THR B 174 -11.94 6.23 5.60
C THR B 174 -11.04 7.38 6.05
N PRO B 175 -11.39 8.62 5.68
CA PRO B 175 -10.59 9.78 6.07
C PRO B 175 -10.31 9.91 7.57
N ASP B 176 -11.30 9.62 8.41
CA ASP B 176 -11.13 9.71 9.86
C ASP B 176 -10.25 8.58 10.46
N GLU B 177 -9.89 7.59 9.63
CA GLU B 177 -9.02 6.48 10.06
C GLU B 177 -7.53 6.75 9.79
N VAL B 178 -7.25 7.89 9.15
CA VAL B 178 -5.90 8.26 8.78
C VAL B 178 -5.14 8.82 9.98
N ALA B 179 -4.00 8.21 10.28
CA ALA B 179 -3.12 8.68 11.33
C ALA B 179 -1.99 9.53 10.77
N LYS B 180 -1.26 8.99 9.79
CA LYS B 180 -0.12 9.68 9.19
C LYS B 180 0.03 9.41 7.69
N LEU B 181 0.50 10.41 6.98
CA LEU B 181 0.96 10.24 5.60
C LEU B 181 2.48 10.25 5.63
N VAL B 182 3.06 9.24 5.01
CA VAL B 182 4.48 9.01 5.07
C VAL B 182 5.04 9.08 3.66
N LEU B 183 5.74 10.17 3.36
CA LEU B 183 6.41 10.28 2.07
C LEU B 183 7.78 9.66 2.15
N THR B 184 8.15 8.93 1.11
CA THR B 184 9.50 8.41 1.00
C THR B 184 10.37 9.41 0.27
N ALA B 185 11.66 9.37 0.58
CA ALA B 185 12.65 10.24 -0.07
C ALA B 185 13.90 9.43 -0.36
N SER B 186 14.49 9.64 -1.54
CA SER B 186 15.73 8.97 -1.89
C SER B 186 16.87 9.36 -0.94
N GLY B 187 16.84 10.61 -0.50
CA GLY B 187 17.89 11.16 0.36
C GLY B 187 18.82 12.09 -0.40
N GLY B 188 18.74 12.03 -1.73
CA GLY B 188 19.60 12.83 -2.62
C GLY B 188 21.05 12.38 -2.58
N PRO B 189 21.93 13.05 -3.36
CA PRO B 189 23.36 12.70 -3.41
C PRO B 189 24.09 12.82 -2.08
N PHE B 190 23.53 13.57 -1.12
CA PHE B 190 24.21 13.84 0.14
C PHE B 190 23.63 13.09 1.35
N ARG B 191 22.85 12.05 1.10
CA ARG B 191 22.37 11.19 2.18
C ARG B 191 23.57 10.70 2.98
N GLY B 192 23.49 10.84 4.30
CA GLY B 192 24.55 10.36 5.20
C GLY B 192 25.67 11.36 5.51
N TRP B 193 25.73 12.45 4.75
CA TRP B 193 26.75 13.48 4.95
C TRP B 193 26.47 14.34 6.18
N SER B 194 27.55 14.83 6.81
CA SER B 194 27.43 15.72 7.95
C SER B 194 27.37 17.17 7.50
N ALA B 195 27.01 18.07 8.41
CA ALA B 195 26.96 19.51 8.14
C ALA B 195 28.34 20.10 7.80
N ALA B 196 29.37 19.59 8.46
CA ALA B 196 30.75 19.99 8.18
C ALA B 196 31.15 19.57 6.77
N ASP B 197 30.78 18.35 6.39
CA ASP B 197 31.02 17.81 5.05
C ASP B 197 30.33 18.62 3.94
N LEU B 198 29.21 19.26 4.28
CA LEU B 198 28.37 19.95 3.30
C LEU B 198 28.63 21.46 3.23
N GLU B 199 29.46 21.94 4.15
CA GLU B 199 29.81 23.35 4.26
C GLU B 199 30.35 23.92 2.92
N HIS B 200 31.22 23.17 2.26
CA HIS B 200 31.91 23.67 1.07
C HIS B 200 31.69 22.83 -0.20
N VAL B 201 30.58 22.10 -0.27
CA VAL B 201 30.25 21.35 -1.49
C VAL B 201 29.93 22.30 -2.66
N THR B 202 30.28 21.84 -3.86
CA THR B 202 30.09 22.61 -5.09
C THR B 202 28.79 22.20 -5.79
N PRO B 203 28.25 23.08 -6.66
CA PRO B 203 27.06 22.71 -7.44
C PRO B 203 27.24 21.38 -8.16
N GLU B 204 28.40 21.20 -8.79
CA GLU B 204 28.73 20.00 -9.55
C GLU B 204 28.74 18.73 -8.68
N GLN B 205 29.24 18.86 -7.45
CA GLN B 205 29.15 17.78 -6.46
C GLN B 205 27.72 17.39 -6.10
N ALA B 206 26.79 18.34 -6.19
CA ALA B 206 25.37 18.06 -5.92
C ALA B 206 24.69 17.29 -7.07
N GLY B 207 25.49 16.96 -8.09
CA GLY B 207 24.97 16.41 -9.34
C GLY B 207 24.43 17.51 -10.23
N ALA B 208 24.49 18.75 -9.75
CA ALA B 208 23.92 19.89 -10.45
C ALA B 208 24.96 20.62 -11.28
N HIS B 209 24.91 20.38 -12.59
CA HIS B 209 25.77 21.05 -13.53
C HIS B 209 24.92 22.09 -14.24
N PRO B 210 25.05 23.37 -13.82
CA PRO B 210 24.13 24.46 -14.19
C PRO B 210 23.93 24.61 -15.70
N THR B 211 22.65 24.61 -16.11
N THR B 211 22.66 24.59 -16.13
CA THR B 211 22.23 24.69 -17.50
CA THR B 211 22.31 24.83 -17.53
C THR B 211 20.97 25.58 -17.57
C THR B 211 21.19 25.87 -17.62
N TRP B 212 20.54 25.93 -18.78
CA TRP B 212 19.38 26.80 -18.97
C TRP B 212 18.04 26.08 -18.69
N SER B 213 18.10 24.75 -18.58
CA SER B 213 16.91 23.95 -18.27
C SER B 213 16.70 23.85 -16.75
N MET B 214 15.58 23.25 -16.37
CA MET B 214 15.20 23.11 -14.96
C MET B 214 15.92 21.96 -14.30
N GLY B 215 16.58 21.13 -15.11
CA GLY B 215 17.29 19.93 -14.66
C GLY B 215 18.23 20.09 -13.47
N PRO B 216 19.23 21.01 -13.57
CA PRO B 216 20.16 21.21 -12.46
C PRO B 216 19.48 21.77 -11.21
N MET B 217 18.41 22.54 -11.41
CA MET B 217 17.60 23.04 -10.30
C MET B 217 16.75 21.97 -9.60
N ASN B 218 16.20 21.04 -10.39
CA ASN B 218 15.53 19.88 -9.84
C ASN B 218 16.49 18.98 -9.09
N THR B 219 17.67 18.79 -9.66
CA THR B 219 18.75 18.02 -9.03
C THR B 219 19.19 18.67 -7.73
N LEU B 220 19.39 19.98 -7.77
CA LEU B 220 19.77 20.73 -6.58
C LEU B 220 18.70 20.63 -5.48
N ASN B 221 17.44 20.79 -5.87
CA ASN B 221 16.32 20.58 -4.95
C ASN B 221 16.29 19.17 -4.31
N SER B 222 16.65 18.15 -5.09
CA SER B 222 16.84 16.80 -4.53
C SER B 222 18.01 16.77 -3.53
N ALA B 223 19.08 17.49 -3.82
CA ALA B 223 20.25 17.50 -2.92
C ALA B 223 19.97 18.23 -1.61
N SER B 224 19.29 19.36 -1.70
CA SER B 224 19.02 20.20 -0.51
C SER B 224 17.78 19.73 0.24
N LEU B 225 17.04 18.79 -0.36
CA LEU B 225 15.78 18.26 0.18
C LEU B 225 14.63 19.27 0.11
N VAL B 226 14.85 20.37 -0.61
CA VAL B 226 13.79 21.34 -0.81
C VAL B 226 12.65 20.69 -1.59
N ASN B 227 13.00 19.76 -2.49
CA ASN B 227 11.97 19.05 -3.25
C ASN B 227 10.98 18.31 -2.36
N LYS B 228 11.50 17.68 -1.31
CA LYS B 228 10.65 16.95 -0.38
C LYS B 228 9.84 17.94 0.45
N GLY B 229 10.47 19.08 0.78
CA GLY B 229 9.76 20.19 1.41
C GLY B 229 8.54 20.57 0.58
N LEU B 230 8.76 20.80 -0.72
CA LEU B 230 7.68 21.12 -1.67
C LEU B 230 6.60 20.04 -1.71
N GLU B 231 7.02 18.77 -1.70
CA GLU B 231 6.08 17.64 -1.74
C GLU B 231 5.24 17.50 -0.47
N VAL B 232 5.80 17.86 0.67
CA VAL B 232 5.06 17.90 1.94
C VAL B 232 3.96 18.96 1.87
N ILE B 233 4.30 20.12 1.33
CA ILE B 233 3.33 21.20 1.11
C ILE B 233 2.18 20.73 0.22
N GLU B 234 2.51 20.12 -0.90
CA GLU B 234 1.51 19.61 -1.82
C GLU B 234 0.64 18.52 -1.19
N THR B 235 1.27 17.68 -0.35
CA THR B 235 0.57 16.62 0.37
C THR B 235 -0.52 17.19 1.26
N HIS B 236 -0.17 18.23 2.02
CA HIS B 236 -1.12 18.90 2.91
C HIS B 236 -2.28 19.49 2.15
N LEU B 237 -2.00 20.14 1.03
CA LEU B 237 -3.03 20.80 0.23
C LEU B 237 -3.92 19.78 -0.48
N LEU B 238 -3.30 18.73 -1.02
CA LEU B 238 -4.04 17.68 -1.72
C LEU B 238 -4.96 16.89 -0.80
N PHE B 239 -4.44 16.44 0.33
CA PHE B 239 -5.12 15.44 1.12
C PHE B 239 -5.73 15.95 2.43
N GLY B 240 -5.48 17.20 2.79
CA GLY B 240 -6.12 17.83 3.95
C GLY B 240 -5.65 17.25 5.27
N ILE B 241 -4.39 16.87 5.32
CA ILE B 241 -3.77 16.29 6.51
C ILE B 241 -2.82 17.34 7.11
N PRO B 242 -2.90 17.56 8.43
CA PRO B 242 -2.07 18.58 9.05
C PRO B 242 -0.59 18.26 8.89
N TYR B 243 0.24 19.30 8.88
CA TYR B 243 1.69 19.16 8.65
C TYR B 243 2.39 18.29 9.69
N ASP B 244 1.88 18.29 10.93
CA ASP B 244 2.48 17.47 11.99
C ASP B 244 2.15 15.98 11.86
N ARG B 245 1.33 15.64 10.86
CA ARG B 245 1.05 14.23 10.56
C ARG B 245 1.54 13.81 9.18
N ILE B 246 2.42 14.64 8.62
CA ILE B 246 3.09 14.33 7.36
C ILE B 246 4.57 14.10 7.66
N ASP B 247 4.99 12.85 7.57
CA ASP B 247 6.35 12.42 7.82
C ASP B 247 7.11 12.16 6.54
N VAL B 248 8.44 12.26 6.62
CA VAL B 248 9.31 11.89 5.51
C VAL B 248 10.27 10.83 6.03
N VAL B 249 10.42 9.75 5.24
N VAL B 249 10.39 9.73 5.28
CA VAL B 249 11.33 8.67 5.55
CA VAL B 249 11.37 8.71 5.60
C VAL B 249 12.31 8.51 4.37
C VAL B 249 12.30 8.52 4.40
N VAL B 250 13.59 8.36 4.68
CA VAL B 250 14.56 8.12 3.62
C VAL B 250 14.53 6.63 3.23
N HIS B 251 14.40 6.39 1.93
CA HIS B 251 14.27 5.06 1.38
C HIS B 251 15.02 5.09 0.05
N PRO B 252 16.32 4.72 0.08
CA PRO B 252 17.25 4.89 -1.04
C PRO B 252 16.82 4.21 -2.35
N GLN B 253 16.09 3.10 -2.26
CA GLN B 253 15.77 2.28 -3.41
C GLN B 253 14.64 2.87 -4.27
N SER B 254 13.81 3.71 -3.66
CA SER B 254 12.63 4.31 -4.29
C SER B 254 11.68 3.29 -4.90
N ILE B 255 11.47 2.18 -4.20
CA ILE B 255 10.50 1.20 -4.66
C ILE B 255 9.13 1.46 -4.04
N ILE B 256 9.12 1.70 -2.74
CA ILE B 256 7.93 2.19 -2.03
C ILE B 256 7.88 3.69 -2.31
N HIS B 257 6.79 4.15 -2.92
CA HIS B 257 6.67 5.55 -3.33
C HIS B 257 6.02 6.47 -2.30
N SER B 258 5.30 5.88 -1.35
CA SER B 258 4.78 6.54 -0.15
C SER B 258 3.85 5.57 0.56
N MET B 259 3.42 5.91 1.77
CA MET B 259 2.56 5.03 2.56
C MET B 259 1.63 5.84 3.42
N VAL B 260 0.59 5.18 3.91
CA VAL B 260 -0.38 5.79 4.81
C VAL B 260 -0.50 4.90 6.04
N THR B 261 -0.32 5.51 7.22
CA THR B 261 -0.51 4.80 8.47
C THR B 261 -1.86 5.15 9.02
N PHE B 262 -2.64 4.11 9.33
CA PHE B 262 -4.00 4.25 9.82
C PHE B 262 -4.06 4.15 11.35
N ILE B 263 -5.21 4.49 11.92
CA ILE B 263 -5.34 4.64 13.38
C ILE B 263 -5.19 3.34 14.17
N ASP B 264 -5.28 2.20 13.48
CA ASP B 264 -5.17 0.89 14.12
C ASP B 264 -3.75 0.33 14.18
N GLY B 265 -2.81 1.01 13.51
CA GLY B 265 -1.42 0.56 13.45
C GLY B 265 -1.04 0.02 12.08
N SER B 266 -2.03 -0.12 11.21
CA SER B 266 -1.78 -0.62 9.86
C SER B 266 -1.20 0.43 8.93
N THR B 267 -0.19 0.04 8.17
CA THR B 267 0.35 0.90 7.12
C THR B 267 0.09 0.26 5.76
N ILE B 268 -0.40 1.08 4.84
CA ILE B 268 -0.58 0.65 3.45
C ILE B 268 0.41 1.40 2.58
N ALA B 269 1.20 0.66 1.82
CA ALA B 269 2.24 1.25 0.99
C ALA B 269 2.02 0.89 -0.49
N GLN B 270 2.49 1.76 -1.38
CA GLN B 270 2.42 1.51 -2.82
C GLN B 270 3.83 1.32 -3.32
N ALA B 271 4.04 0.28 -4.13
CA ALA B 271 5.36 -0.10 -4.63
C ALA B 271 5.35 -0.43 -6.11
N SER B 272 6.40 -0.03 -6.80
CA SER B 272 6.60 -0.40 -8.20
C SER B 272 8.00 0.00 -8.60
N PRO B 273 8.59 -0.68 -9.60
CA PRO B 273 9.85 -0.16 -10.15
C PRO B 273 9.60 1.26 -10.70
N PRO B 274 10.59 2.17 -10.54
CA PRO B 274 10.40 3.55 -11.03
C PRO B 274 10.03 3.59 -12.53
N ASP B 275 8.87 4.19 -12.81
CA ASP B 275 8.36 4.40 -14.16
C ASP B 275 7.16 5.33 -14.07
N MET B 276 7.36 6.59 -14.48
CA MET B 276 6.33 7.63 -14.39
C MET B 276 5.04 7.32 -15.16
N LYS B 277 5.09 6.36 -16.09
CA LYS B 277 3.89 5.99 -16.83
C LYS B 277 2.80 5.38 -15.95
N LEU B 278 3.19 4.75 -14.85
CA LEU B 278 2.22 4.29 -13.86
C LEU B 278 1.40 5.43 -13.18
N PRO B 279 2.05 6.36 -12.46
CA PRO B 279 1.23 7.45 -11.91
C PRO B 279 0.57 8.35 -12.98
N ILE B 280 1.21 8.52 -14.13
CA ILE B 280 0.58 9.24 -15.26
C ILE B 280 -0.71 8.56 -15.70
N SER B 281 -0.65 7.25 -15.96
CA SER B 281 -1.83 6.51 -16.41
C SER B 281 -2.98 6.58 -15.40
N LEU B 282 -2.64 6.46 -14.11
CA LEU B 282 -3.64 6.49 -13.05
C LEU B 282 -4.33 7.86 -12.95
N ALA B 283 -3.56 8.91 -13.10
CA ALA B 283 -4.10 10.26 -13.07
C ALA B 283 -5.06 10.49 -14.26
N LEU B 284 -4.66 10.09 -15.46
CA LEU B 284 -5.50 10.17 -16.66
C LEU B 284 -6.78 9.35 -16.55
N GLY B 285 -6.66 8.13 -16.05
CA GLY B 285 -7.80 7.21 -16.01
C GLY B 285 -8.61 7.16 -14.72
N TRP B 286 -8.25 8.00 -13.75
CA TRP B 286 -8.86 7.97 -12.40
C TRP B 286 -10.39 7.96 -12.40
N PRO B 287 -11.01 7.08 -11.59
CA PRO B 287 -10.41 6.12 -10.64
C PRO B 287 -9.98 4.76 -11.21
N ARG B 288 -10.10 4.56 -12.53
CA ARG B 288 -9.84 3.26 -13.15
C ARG B 288 -8.39 3.07 -13.62
N ARG B 289 -7.78 1.97 -13.17
CA ARG B 289 -6.40 1.65 -13.51
C ARG B 289 -6.26 1.27 -14.98
N VAL B 290 -5.06 1.48 -15.53
CA VAL B 290 -4.79 1.29 -16.95
C VAL B 290 -3.91 0.06 -17.16
N SER B 291 -4.54 -1.03 -17.60
CA SER B 291 -3.86 -2.30 -17.85
C SER B 291 -2.58 -2.11 -18.66
N GLY B 292 -1.46 -2.51 -18.08
CA GLY B 292 -0.18 -2.54 -18.80
C GLY B 292 0.67 -1.29 -18.85
N ALA B 293 0.33 -0.28 -18.05
CA ALA B 293 1.05 0.99 -18.03
C ALA B 293 2.54 0.82 -17.74
N ALA B 294 2.83 0.03 -16.71
CA ALA B 294 4.19 -0.18 -16.26
C ALA B 294 4.39 -1.63 -15.81
N ALA B 295 5.65 -2.03 -15.71
CA ALA B 295 6.01 -3.34 -15.16
C ALA B 295 5.70 -3.37 -13.68
N ALA B 296 5.31 -4.54 -13.19
CA ALA B 296 5.03 -4.77 -11.78
C ALA B 296 6.30 -5.19 -11.06
N CYS B 297 6.29 -5.10 -9.73
CA CYS B 297 7.38 -5.62 -8.91
C CYS B 297 7.56 -7.11 -9.17
N ASP B 298 8.81 -7.51 -9.36
CA ASP B 298 9.19 -8.90 -9.56
C ASP B 298 9.95 -9.40 -8.35
N PHE B 299 9.55 -10.56 -7.84
CA PHE B 299 10.22 -11.15 -6.68
C PHE B 299 11.01 -12.43 -7.01
N HIS B 300 11.38 -12.59 -8.28
CA HIS B 300 12.25 -13.70 -8.72
C HIS B 300 13.70 -13.51 -8.26
N THR B 301 14.04 -12.30 -7.87
CA THR B 301 15.38 -11.97 -7.40
C THR B 301 15.33 -11.46 -5.97
N ALA B 302 16.33 -11.82 -5.18
CA ALA B 302 16.45 -11.30 -3.82
C ALA B 302 16.70 -9.80 -3.85
N SER B 303 16.05 -9.09 -2.94
CA SER B 303 16.20 -7.65 -2.84
C SER B 303 16.04 -7.17 -1.41
N SER B 304 16.40 -5.92 -1.19
CA SER B 304 16.34 -5.32 0.12
C SER B 304 15.76 -3.92 -0.04
N TRP B 305 14.72 -3.61 0.74
CA TRP B 305 14.18 -2.26 0.79
C TRP B 305 14.58 -1.65 2.11
N GLU B 306 15.38 -0.59 2.05
CA GLU B 306 15.93 0.02 3.25
C GLU B 306 15.20 1.29 3.59
N PHE B 307 15.04 1.52 4.88
CA PHE B 307 14.42 2.72 5.41
C PHE B 307 15.31 3.25 6.51
N GLU B 308 15.49 4.57 6.52
CA GLU B 308 16.28 5.24 7.55
C GLU B 308 15.68 6.61 7.78
N PRO B 309 15.78 7.13 9.03
CA PRO B 309 15.27 8.46 9.31
C PRO B 309 15.98 9.57 8.53
N LEU B 310 15.23 10.65 8.28
CA LEU B 310 15.85 11.86 7.75
C LEU B 310 16.64 12.55 8.85
N ASP B 311 17.85 12.96 8.50
CA ASP B 311 18.65 13.81 9.36
C ASP B 311 18.13 15.24 9.23
N THR B 312 17.28 15.63 10.19
CA THR B 312 16.58 16.91 10.16
C THR B 312 17.46 18.10 10.60
N ASP B 313 18.48 17.83 11.42
CA ASP B 313 19.44 18.87 11.78
C ASP B 313 20.27 19.26 10.57
N VAL B 314 20.61 18.27 9.75
CA VAL B 314 21.43 18.49 8.56
C VAL B 314 20.60 18.93 7.35
N PHE B 315 19.33 18.52 7.30
CA PHE B 315 18.43 18.87 6.19
C PHE B 315 17.17 19.56 6.73
N PRO B 316 17.29 20.83 7.13
CA PRO B 316 16.16 21.52 7.73
C PRO B 316 15.10 22.00 6.72
N ALA B 317 15.35 21.81 5.42
CA ALA B 317 14.41 22.25 4.36
C ALA B 317 13.00 21.70 4.51
N VAL B 318 12.88 20.46 5.01
CA VAL B 318 11.58 19.83 5.12
C VAL B 318 10.77 20.46 6.27
N GLU B 319 11.40 20.62 7.43
CA GLU B 319 10.75 21.31 8.56
C GLU B 319 10.47 22.79 8.23
N LEU B 320 11.32 23.41 7.43
CA LEU B 320 11.10 24.79 7.02
C LEU B 320 9.83 24.89 6.17
N ALA B 321 9.65 23.93 5.27
CA ALA B 321 8.42 23.81 4.49
C ALA B 321 7.18 23.66 5.39
N ARG B 322 7.30 22.86 6.45
CA ARG B 322 6.19 22.71 7.41
C ARG B 322 5.89 24.04 8.08
N GLN B 323 6.93 24.77 8.51
CA GLN B 323 6.76 26.10 9.08
C GLN B 323 6.09 27.07 8.10
N ALA B 324 6.58 27.13 6.88
CA ALA B 324 5.94 27.94 5.83
C ALA B 324 4.48 27.52 5.59
N GLY B 325 4.24 26.22 5.53
CA GLY B 325 2.89 25.70 5.33
C GLY B 325 1.95 25.99 6.47
N VAL B 326 2.43 25.86 7.71
CA VAL B 326 1.63 26.15 8.88
C VAL B 326 1.27 27.63 8.95
N ALA B 327 2.23 28.50 8.61
CA ALA B 327 1.96 29.94 8.55
C ALA B 327 0.84 30.23 7.53
N GLY B 328 0.85 29.51 6.41
CA GLY B 328 -0.26 29.51 5.46
C GLY B 328 -0.24 30.57 4.39
N GLY B 329 -1.30 30.58 3.58
CA GLY B 329 -1.50 31.59 2.55
C GLY B 329 -0.42 31.60 1.49
N CYS B 330 0.14 32.78 1.25
CA CYS B 330 1.19 32.97 0.27
C CYS B 330 2.58 32.61 0.80
N MET B 331 2.65 32.16 2.05
CA MET B 331 3.93 31.76 2.64
C MET B 331 4.60 30.60 1.87
N THR B 332 3.82 29.67 1.34
CA THR B 332 4.43 28.58 0.57
C THR B 332 4.95 29.07 -0.80
N ALA B 333 4.27 30.02 -1.42
CA ALA B 333 4.81 30.72 -2.59
C ALA B 333 6.14 31.41 -2.26
N VAL B 334 6.22 32.03 -1.09
CA VAL B 334 7.45 32.69 -0.63
C VAL B 334 8.59 31.69 -0.48
N TYR B 335 8.32 30.57 0.17
CA TYR B 335 9.27 29.48 0.35
C TYR B 335 9.88 29.07 -0.99
N ASN B 336 9.04 28.80 -1.98
CA ASN B 336 9.50 28.34 -3.29
C ASN B 336 10.28 29.41 -4.08
N ALA B 337 9.76 30.64 -4.06
CA ALA B 337 10.43 31.73 -4.78
C ALA B 337 11.81 32.06 -4.15
N ALA B 338 11.87 32.06 -2.82
CA ALA B 338 13.13 32.24 -2.10
C ALA B 338 14.13 31.14 -2.45
N ASN B 339 13.65 29.90 -2.46
CA ASN B 339 14.50 28.78 -2.87
C ASN B 339 15.08 29.00 -4.27
N GLU B 340 14.23 29.32 -5.23
CA GLU B 340 14.63 29.51 -6.62
C GLU B 340 15.78 30.51 -6.74
N GLU B 341 15.72 31.60 -5.96
CA GLU B 341 16.75 32.64 -5.99
C GLU B 341 18.04 32.20 -5.30
N ALA B 342 17.90 31.68 -4.08
CA ALA B 342 19.04 31.16 -3.33
C ALA B 342 19.74 30.02 -4.07
N ALA B 343 18.95 29.10 -4.63
CA ALA B 343 19.48 27.96 -5.40
C ALA B 343 20.29 28.39 -6.61
N ALA B 344 19.75 29.37 -7.37
CA ALA B 344 20.41 29.91 -8.55
C ALA B 344 21.75 30.56 -8.18
N ALA B 345 21.77 31.23 -7.03
CA ALA B 345 22.96 31.88 -6.48
C ALA B 345 24.04 30.86 -6.14
N PHE B 346 23.62 29.74 -5.58
CA PHE B 346 24.53 28.63 -5.30
C PHE B 346 25.07 28.03 -6.59
N LEU B 347 24.20 27.89 -7.60
CA LEU B 347 24.62 27.40 -8.92
C LEU B 347 25.67 28.30 -9.59
N ALA B 348 25.60 29.61 -9.32
CA ALA B 348 26.53 30.60 -9.86
C ALA B 348 27.81 30.78 -9.03
N GLY B 349 27.92 30.03 -7.93
CA GLY B 349 29.09 30.09 -7.05
C GLY B 349 29.13 31.34 -6.18
N ARG B 350 27.97 31.93 -5.95
CA ARG B 350 27.85 33.19 -5.20
C ARG B 350 27.65 32.96 -3.70
N ILE B 351 27.06 31.80 -3.36
CA ILE B 351 26.85 31.41 -1.97
C ILE B 351 27.21 29.95 -1.79
N GLY B 352 27.39 29.54 -0.53
CA GLY B 352 27.60 28.15 -0.19
C GLY B 352 26.30 27.36 -0.07
N PHE B 353 26.44 26.05 -0.09
CA PHE B 353 25.30 25.12 -0.01
C PHE B 353 24.34 25.35 1.16
N PRO B 354 24.86 25.47 2.41
CA PRO B 354 23.97 25.64 3.56
C PRO B 354 23.20 26.97 3.56
N ALA B 355 23.68 27.94 2.78
CA ALA B 355 23.04 29.24 2.66
C ALA B 355 21.74 29.21 1.87
N ILE B 356 21.55 28.18 1.04
CA ILE B 356 20.28 28.04 0.30
C ILE B 356 19.12 28.07 1.31
N VAL B 357 19.09 27.09 2.22
CA VAL B 357 18.02 26.97 3.21
C VAL B 357 18.13 28.06 4.29
N GLY B 358 19.35 28.54 4.54
CA GLY B 358 19.56 29.70 5.41
C GLY B 358 18.85 30.92 4.88
N ILE B 359 18.99 31.17 3.58
CA ILE B 359 18.31 32.31 2.97
C ILE B 359 16.78 32.14 2.95
N ILE B 360 16.31 30.92 2.68
CA ILE B 360 14.85 30.67 2.69
C ILE B 360 14.27 31.07 4.05
N ALA B 361 14.96 30.68 5.12
CA ALA B 361 14.53 30.94 6.49
C ALA B 361 14.55 32.43 6.80
N ASP B 362 15.62 33.11 6.39
CA ASP B 362 15.70 34.56 6.55
C ASP B 362 14.53 35.26 5.85
N VAL B 363 14.28 34.90 4.60
CA VAL B 363 13.18 35.51 3.84
C VAL B 363 11.83 35.27 4.50
N LEU B 364 11.59 34.03 4.93
CA LEU B 364 10.35 33.66 5.61
C LEU B 364 10.14 34.44 6.91
N HIS B 365 11.22 34.60 7.67
CA HIS B 365 11.19 35.36 8.93
C HIS B 365 10.75 36.82 8.70
N ALA B 366 11.09 37.35 7.54
CA ALA B 366 10.74 38.72 7.17
C ALA B 366 9.39 38.82 6.46
N ALA B 367 8.67 37.71 6.34
CA ALA B 367 7.51 37.62 5.43
C ALA B 367 6.12 37.64 6.08
N ASP B 368 6.02 38.23 7.28
CA ASP B 368 4.75 38.26 8.02
C ASP B 368 3.55 38.78 7.21
N GLN B 369 3.81 39.70 6.27
CA GLN B 369 2.75 40.27 5.42
C GLN B 369 2.16 39.25 4.43
N TRP B 370 2.85 38.13 4.24
CA TRP B 370 2.51 37.16 3.19
C TRP B 370 1.82 35.89 3.65
N ALA B 371 1.41 35.84 4.91
CA ALA B 371 0.63 34.73 5.42
C ALA B 371 -0.84 34.81 4.96
N VAL B 372 -1.26 35.98 4.46
CA VAL B 372 -2.65 36.13 3.99
C VAL B 372 -2.93 35.12 2.90
N GLU B 373 -4.15 34.59 2.89
CA GLU B 373 -4.56 33.72 1.81
C GLU B 373 -4.67 34.55 0.54
N PRO B 374 -4.18 33.99 -0.59
CA PRO B 374 -4.27 34.71 -1.86
C PRO B 374 -5.73 34.88 -2.31
N ALA B 375 -6.11 36.12 -2.61
CA ALA B 375 -7.45 36.39 -3.13
C ALA B 375 -7.51 36.18 -4.64
N THR B 376 -6.40 36.45 -5.32
CA THR B 376 -6.30 36.38 -6.78
C THR B 376 -4.91 35.90 -7.18
N VAL B 377 -4.74 35.60 -8.47
CA VAL B 377 -3.42 35.26 -9.03
C VAL B 377 -2.39 36.37 -8.74
N ASP B 378 -2.81 37.62 -8.87
CA ASP B 378 -1.92 38.77 -8.62
C ASP B 378 -1.32 38.77 -7.21
N ASP B 379 -2.11 38.35 -6.22
CA ASP B 379 -1.60 38.16 -4.85
C ASP B 379 -0.42 37.20 -4.80
N VAL B 380 -0.55 36.06 -5.50
CA VAL B 380 0.53 35.08 -5.60
C VAL B 380 1.76 35.71 -6.28
N LEU B 381 1.54 36.35 -7.41
CA LEU B 381 2.62 36.99 -8.17
C LEU B 381 3.34 38.06 -7.35
N ASP B 382 2.57 38.83 -6.59
CA ASP B 382 3.14 39.85 -5.68
C ASP B 382 4.01 39.23 -4.59
N ALA B 383 3.53 38.13 -4.01
CA ALA B 383 4.28 37.43 -2.95
C ALA B 383 5.61 36.89 -3.49
N GLN B 384 5.57 36.35 -4.70
CA GLN B 384 6.74 35.77 -5.34
C GLN B 384 7.76 36.83 -5.70
N ARG B 385 7.29 37.96 -6.25
CA ARG B 385 8.17 39.08 -6.57
C ARG B 385 8.88 39.60 -5.32
N TRP B 386 8.11 39.81 -4.27
CA TRP B 386 8.65 40.25 -2.99
C TRP B 386 9.71 39.27 -2.46
N ALA B 387 9.42 37.97 -2.56
CA ALA B 387 10.33 36.93 -2.07
C ALA B 387 11.65 36.90 -2.83
N ARG B 388 11.58 37.05 -4.15
CA ARG B 388 12.77 37.12 -5.00
C ARG B 388 13.67 38.29 -4.61
N GLU B 389 13.07 39.49 -4.50
CA GLU B 389 13.79 40.70 -4.09
C GLU B 389 14.51 40.47 -2.76
N ARG B 390 13.78 39.93 -1.79
CA ARG B 390 14.31 39.64 -0.47
C ARG B 390 15.48 38.67 -0.51
N ALA B 391 15.32 37.60 -1.28
CA ALA B 391 16.38 36.61 -1.46
C ALA B 391 17.59 37.22 -2.16
N GLN B 392 17.34 37.99 -3.21
CA GLN B 392 18.40 38.72 -3.92
C GLN B 392 19.22 39.64 -3.00
N ARG B 393 18.53 40.34 -2.09
CA ARG B 393 19.19 41.15 -1.07
C ARG B 393 20.02 40.29 -0.13
N ALA B 394 19.45 39.15 0.29
CA ALA B 394 20.15 38.22 1.18
C ALA B 394 21.40 37.65 0.51
N VAL B 395 21.28 37.30 -0.76
CA VAL B 395 22.41 36.80 -1.55
C VAL B 395 23.51 37.87 -1.63
N SER B 396 23.11 39.09 -1.96
CA SER B 396 24.06 40.18 -2.17
C SER B 396 24.87 40.54 -0.91
N GLY B 397 24.31 40.20 0.27
CA GLY B 397 24.95 40.51 1.54
C GLY B 397 25.96 39.51 2.08
N MET B 398 26.32 38.51 1.29
CA MET B 398 27.30 37.50 1.74
C MET B 398 28.34 37.18 0.67
C1 34F C . 0.70 -15.90 10.73
N1 34F C . 0.98 -17.14 10.63
O1 34F C . -0.33 -15.43 10.29
CL1 34F C . 7.13 -15.91 12.90
C2 34F C . 2.19 -17.68 11.23
O2 34F C . 0.13 -17.99 9.94
CL2 34F C . 6.15 -12.80 12.49
C3 34F C . 3.05 -18.31 10.11
C4 34F C . 3.64 -17.27 9.16
C6 34F C . 4.30 -16.19 9.99
C7 34F C . 5.29 -16.49 10.93
C8 34F C . 5.86 -15.47 11.71
C9 34F C . 5.43 -14.14 11.52
C10 34F C . 4.43 -13.83 10.58
C11 34F C . 3.87 -14.86 9.82
PA1 34F C . 4.64 -17.95 8.07
OP1 34F C . 3.80 -19.03 7.41
OP2 34F C . 4.97 -16.81 7.14
OP3 34F C . 5.84 -18.49 8.78
MN MN D . -0.89 -16.65 8.55
MN MN E . 8.35 13.40 -6.45
#